data_5VU8
#
_entry.id   5VU8
#
_cell.length_a   72.288
_cell.length_b   107.360
_cell.length_c   147.732
_cell.angle_alpha   90.00
_cell.angle_beta   90.00
_cell.angle_gamma   90.00
#
_symmetry.space_group_name_H-M   'P 2 21 21'
#
loop_
_entity.id
_entity.type
_entity.pdbx_description
1 polymer 'DNA polymerase'
2 polymer 'DNA template'
3 polymer 'DNA/TNA hybrid primer'
4 non-polymer '[(3~{S},4~{R},5~{R})-5-(6-aminopurin-9-yl)-4-oxidanyl-oxolan-3-yl] [oxidanyl(phosphonooxy)phosphoryl] hydrogen phosphate'
5 non-polymer 'MAGNESIUM ION'
6 water water
#
loop_
_entity_poly.entity_id
_entity_poly.type
_entity_poly.pdbx_seq_one_letter_code
_entity_poly.pdbx_strand_id
1 'polypeptide(L)'
;MILDTDYITEDGKPVIRIFKKENGEFKIEYDRTFEPYFYALLKDDSAIEEVKKITAERHGTVVTVKRVEKVQKKFLGRPV
EVWKLYFTHPQDVPAIRDKIREHPAVIDIYEYDIPFAKRYLIDKGLVPMEGDEELKMLAFAIATLYHEGEEFAEGPILMI
SYADEEGARVITWKNVDLPYVDVVSTEREMIKRFLRVVKEKDPDVLITYNGDNFDFAYLKKRCEKLGINFALGRDGSEPK
IQRMGDRFAVEVKGRIHFDLYPVIRRTINLPTYTLEAVYEAVFGQPKEKVYAEEITTAWETGENLERVARYSMEDAKVTY
ELGKEFLPMEAQLSRLIGQSLWDVSRSSTGNLVEWFLLRKAYERNELAPNKPDEKELARRRQSYEGGYVKEPERGLWENI
VYLDFRSLYPSIIITHNVSPDTLNREGCKEYDVAPQVGHRFCKDFPGFIPSLLGDLLEERQKIKKKMKATIDPIERKLLD
YRQRRIKILANSYYGYYGYARARWYCKECAESVTAWGREYITMTIKEIEEKYGFKVIYSDTDGFFATIPGADAETVKKKA
MEFLKYINAKLPGALELEYEGFYKRGFFVTKKKYAVIDEEGKITTRGLEIVRRDWSEIAKETQARVLEALLKDGDVEKAV
RIVKEVTEKLSKYEVPPEKLVIHIQITRDLKDYKATGPHVAVAKRLAARGVKIRPGTVISYIVLKGSGRIGDRAIPFDEF
DPTKHKYDAEYYIENQVLPAVERILRAFGYRKEDLRYQKTRQVGLSAWLKPKGT
;
A
2 'polydeoxyribonucleotide' (DA)(DA)(DA)(DT)(DT)(DC)(DG)(DC)(DA)(DG)(DT)(DT)(DC)(DG)(DC)(DG) T
3 'polydeoxyribonucleotide' (DC)(DG)(DC)(DG)(DA)(DA)(DC)(DT)(DG)(DC)(DG)(9O4) P
#
loop_
_chem_comp.id
_chem_comp.type
_chem_comp.name
_chem_comp.formula
9O4 DNA linking '(3R,5R)-5-(6-amino-9H-purin-9-yl)oxolan-3-yl dihydrogen phosphate' 'C9 H12 N5 O5 P'
9O7 non-polymer '[(3~{S},4~{R},5~{R})-5-(6-aminopurin-9-yl)-4-oxidanyl-oxolan-3-yl] [oxidanyl(phosphonooxy)phosphoryl] hydrogen phosphate' 'C9 H14 N5 O12 P3'
DA DNA linking 2'-DEOXYADENOSINE-5'-MONOPHOSPHATE 'C10 H14 N5 O6 P'
DC DNA linking 2'-DEOXYCYTIDINE-5'-MONOPHOSPHATE 'C9 H14 N3 O7 P'
DG DNA linking 2'-DEOXYGUANOSINE-5'-MONOPHOSPHATE 'C10 H14 N5 O7 P'
DT DNA linking THYMIDINE-5'-MONOPHOSPHATE 'C10 H15 N2 O8 P'
MG non-polymer 'MAGNESIUM ION' 'Mg 2'
#
# COMPACT_ATOMS: atom_id res chain seq x y z
N MET A 1 -25.82 4.21 -7.43
CA MET A 1 -24.46 4.08 -6.91
C MET A 1 -23.63 5.32 -7.22
N ILE A 2 -23.32 6.09 -6.19
CA ILE A 2 -22.52 7.31 -6.34
C ILE A 2 -21.10 6.89 -6.75
N LEU A 3 -20.74 7.17 -7.99
CA LEU A 3 -19.40 6.80 -8.48
C LEU A 3 -18.35 7.74 -7.93
N ASP A 4 -18.57 9.05 -8.05
CA ASP A 4 -17.59 10.05 -7.63
C ASP A 4 -18.31 11.37 -7.41
N THR A 5 -17.58 12.32 -6.85
CA THR A 5 -18.11 13.67 -6.62
C THR A 5 -17.12 14.70 -7.13
N ASP A 6 -17.63 15.90 -7.40
CA ASP A 6 -16.82 16.97 -7.96
C ASP A 6 -17.57 18.28 -7.80
N TYR A 7 -16.84 19.38 -7.96
CA TYR A 7 -17.43 20.71 -7.90
C TYR A 7 -16.74 21.63 -8.89
N ILE A 8 -17.52 22.52 -9.50
CA ILE A 8 -17.01 23.50 -10.45
C ILE A 8 -17.55 24.87 -10.05
N THR A 9 -17.01 25.91 -10.69
CA THR A 9 -17.36 27.29 -10.39
C THR A 9 -18.07 27.91 -11.59
N GLU A 10 -19.28 28.42 -11.36
CA GLU A 10 -20.06 29.11 -12.39
C GLU A 10 -20.40 30.50 -11.87
N ASP A 11 -19.75 31.52 -12.43
CA ASP A 11 -19.98 32.92 -12.06
C ASP A 11 -19.77 33.15 -10.55
N GLY A 12 -18.69 32.58 -10.02
CA GLY A 12 -18.37 32.77 -8.62
C GLY A 12 -19.15 31.92 -7.66
N LYS A 13 -19.96 30.98 -8.14
CA LYS A 13 -20.73 30.11 -7.28
C LYS A 13 -20.28 28.65 -7.44
N PRO A 14 -20.33 27.86 -6.37
CA PRO A 14 -19.94 26.45 -6.47
C PRO A 14 -21.10 25.57 -6.93
N VAL A 15 -20.77 24.59 -7.77
CA VAL A 15 -21.74 23.65 -8.32
C VAL A 15 -21.22 22.25 -8.07
N ILE A 16 -21.78 21.56 -7.09
CA ILE A 16 -21.39 20.18 -6.81
C ILE A 16 -21.92 19.28 -7.90
N ARG A 17 -21.06 18.40 -8.41
CA ARG A 17 -21.43 17.43 -9.44
C ARG A 17 -21.31 16.03 -8.86
N ILE A 18 -22.42 15.31 -8.83
CA ILE A 18 -22.47 13.94 -8.31
C ILE A 18 -22.57 12.99 -9.49
N PHE A 19 -21.53 12.20 -9.69
CA PHE A 19 -21.51 11.20 -10.76
C PHE A 19 -22.03 9.87 -10.20
N LYS A 20 -23.12 9.37 -10.77
CA LYS A 20 -23.75 8.17 -10.23
C LYS A 20 -24.46 7.42 -11.35
N LYS A 21 -24.56 6.10 -11.18
CA LYS A 21 -25.29 5.24 -12.10
C LYS A 21 -26.29 4.43 -11.29
N GLU A 22 -27.57 4.61 -11.58
CA GLU A 22 -28.64 3.91 -10.88
C GLU A 22 -29.64 3.37 -11.89
N ASN A 23 -30.11 2.14 -11.64
CA ASN A 23 -31.05 1.45 -12.53
C ASN A 23 -30.49 1.29 -13.94
N GLY A 24 -29.17 1.11 -14.05
CA GLY A 24 -28.55 0.89 -15.34
C GLY A 24 -28.43 2.11 -16.22
N GLU A 25 -28.50 3.30 -15.64
CA GLU A 25 -28.45 4.55 -16.41
C GLU A 25 -27.46 5.50 -15.75
N PHE A 26 -26.57 6.08 -16.54
CA PHE A 26 -25.67 7.10 -16.03
C PHE A 26 -26.43 8.41 -15.82
N LYS A 27 -26.03 9.14 -14.78
CA LYS A 27 -26.76 10.36 -14.42
C LYS A 27 -25.82 11.27 -13.63
N ILE A 28 -25.93 12.57 -13.89
CA ILE A 28 -25.20 13.60 -13.17
C ILE A 28 -26.19 14.45 -12.40
N GLU A 29 -25.87 14.72 -11.14
CA GLU A 29 -26.69 15.58 -10.28
C GLU A 29 -25.89 16.82 -9.89
N TYR A 30 -26.54 17.97 -9.96
CA TYR A 30 -25.93 19.25 -9.64
C TYR A 30 -26.55 19.80 -8.36
N ASP A 31 -25.70 20.22 -7.42
CA ASP A 31 -26.13 20.79 -6.15
C ASP A 31 -25.48 22.15 -6.00
N ARG A 32 -26.25 23.21 -6.26
CA ARG A 32 -25.79 24.58 -6.07
C ARG A 32 -26.13 25.13 -4.70
N THR A 33 -26.74 24.32 -3.83
CA THR A 33 -27.16 24.79 -2.52
C THR A 33 -26.08 24.64 -1.45
N PHE A 34 -25.21 23.65 -1.58
CA PHE A 34 -24.21 23.41 -0.55
C PHE A 34 -23.25 24.58 -0.45
N GLU A 35 -22.83 24.88 0.77
CA GLU A 35 -22.04 26.07 1.07
C GLU A 35 -20.89 25.74 2.01
N PRO A 36 -19.70 26.28 1.74
CA PRO A 36 -18.55 25.99 2.61
C PRO A 36 -18.65 26.70 3.94
N TYR A 37 -17.84 26.23 4.88
CA TYR A 37 -17.86 26.78 6.24
C TYR A 37 -16.59 26.37 6.97
N PHE A 38 -16.36 27.03 8.09
CA PHE A 38 -15.36 26.61 9.08
C PHE A 38 -15.72 27.28 10.41
N TYR A 39 -15.56 26.53 11.50
CA TYR A 39 -16.00 26.96 12.81
C TYR A 39 -14.98 27.88 13.48
N ALA A 40 -15.48 28.75 14.35
CA ALA A 40 -14.65 29.71 15.07
C ALA A 40 -15.17 29.85 16.48
N LEU A 41 -14.30 29.62 17.46
CA LEU A 41 -14.64 29.78 18.87
C LEU A 41 -14.29 31.21 19.30
N LEU A 42 -15.29 31.92 19.83
CA LEU A 42 -15.12 33.30 20.24
C LEU A 42 -15.09 33.40 21.76
N LYS A 43 -14.49 34.50 22.25
CA LYS A 43 -14.46 34.75 23.69
C LYS A 43 -15.86 35.05 24.22
N ASP A 44 -16.61 35.89 23.50
CA ASP A 44 -17.97 36.22 23.88
C ASP A 44 -18.83 36.33 22.61
N ASP A 45 -20.13 36.12 22.78
CA ASP A 45 -21.06 36.23 21.67
C ASP A 45 -21.38 37.68 21.30
N SER A 46 -20.84 38.65 22.03
CA SER A 46 -21.02 40.05 21.65
C SER A 46 -20.05 40.50 20.58
N ALA A 47 -18.92 39.81 20.44
CA ALA A 47 -17.90 40.15 19.45
C ALA A 47 -18.06 39.37 18.15
N ILE A 48 -19.25 38.84 17.87
CA ILE A 48 -19.47 38.16 16.60
C ILE A 48 -19.74 39.17 15.49
N GLU A 49 -20.44 40.27 15.82
CA GLU A 49 -20.75 41.28 14.80
C GLU A 49 -19.47 41.97 14.33
N GLU A 50 -18.52 42.19 15.24
CA GLU A 50 -17.23 42.74 14.85
C GLU A 50 -16.38 41.74 14.08
N VAL A 51 -16.70 40.45 14.18
CA VAL A 51 -16.04 39.44 13.37
C VAL A 51 -16.73 39.27 12.02
N LYS A 52 -18.05 39.48 11.96
CA LYS A 52 -18.80 39.42 10.71
C LYS A 52 -18.42 40.52 9.72
N LYS A 53 -17.45 41.37 10.06
CA LYS A 53 -17.00 42.43 9.18
C LYS A 53 -15.62 42.18 8.59
N ILE A 54 -15.02 41.01 8.86
CA ILE A 54 -13.70 40.71 8.34
C ILE A 54 -13.76 40.48 6.84
N THR A 55 -12.78 41.03 6.11
CA THR A 55 -12.83 41.08 4.66
C THR A 55 -11.45 40.79 4.08
N ALA A 56 -11.42 40.04 2.99
CA ALA A 56 -10.19 39.78 2.25
C ALA A 56 -10.54 39.81 0.76
N GLU A 57 -9.63 39.31 -0.08
CA GLU A 57 -9.88 39.24 -1.51
C GLU A 57 -9.00 38.15 -2.11
N ARG A 58 -9.59 37.34 -3.00
CA ARG A 58 -8.88 36.21 -3.58
C ARG A 58 -8.14 36.60 -4.87
N HIS A 59 -8.88 37.04 -5.89
CA HIS A 59 -8.30 37.48 -7.15
C HIS A 59 -8.82 38.85 -7.53
N GLY A 60 -8.71 39.80 -6.60
CA GLY A 60 -9.18 41.15 -6.83
C GLY A 60 -10.66 41.36 -6.59
N THR A 61 -11.35 40.38 -6.01
CA THR A 61 -12.77 40.50 -5.70
C THR A 61 -12.97 40.32 -4.20
N VAL A 62 -13.93 41.07 -3.64
CA VAL A 62 -14.11 41.12 -2.19
C VAL A 62 -14.56 39.76 -1.66
N VAL A 63 -14.10 39.43 -0.46
CA VAL A 63 -14.50 38.23 0.26
C VAL A 63 -15.23 38.65 1.52
N THR A 64 -16.43 38.10 1.72
CA THR A 64 -17.27 38.44 2.87
C THR A 64 -17.74 37.15 3.53
N VAL A 65 -18.51 37.32 4.61
CA VAL A 65 -19.08 36.20 5.36
C VAL A 65 -20.56 36.15 5.03
N LYS A 66 -20.97 35.10 4.31
CA LYS A 66 -22.36 34.97 3.85
C LYS A 66 -23.32 34.81 5.02
N ARG A 67 -23.42 33.61 5.56
CA ARG A 67 -24.33 33.29 6.65
C ARG A 67 -23.54 32.84 7.87
N VAL A 68 -24.03 33.19 9.05
CA VAL A 68 -23.40 32.85 10.31
C VAL A 68 -24.39 32.06 11.15
N GLU A 69 -23.93 30.96 11.73
CA GLU A 69 -24.79 30.06 12.50
C GLU A 69 -24.13 29.72 13.83
N LYS A 70 -24.96 29.40 14.81
CA LYS A 70 -24.52 29.09 16.17
C LYS A 70 -24.92 27.64 16.48
N VAL A 71 -23.91 26.78 16.63
CA VAL A 71 -24.14 25.36 16.86
C VAL A 71 -23.35 24.91 18.09
N GLN A 72 -23.73 23.75 18.62
CA GLN A 72 -23.10 23.16 19.79
C GLN A 72 -22.36 21.91 19.34
N LYS A 73 -21.03 21.97 19.37
CA LYS A 73 -20.17 20.87 18.96
C LYS A 73 -19.45 20.30 20.19
N LYS A 74 -18.70 19.22 19.97
CA LYS A 74 -17.98 18.53 21.04
C LYS A 74 -16.52 18.40 20.65
N PHE A 75 -15.65 19.10 21.36
CA PHE A 75 -14.21 19.04 21.10
C PHE A 75 -13.60 18.00 22.03
N LEU A 76 -13.22 16.85 21.46
CA LEU A 76 -12.65 15.74 22.22
C LEU A 76 -13.59 15.32 23.34
N GLY A 77 -14.88 15.24 23.02
CA GLY A 77 -15.89 14.89 23.99
C GLY A 77 -16.29 15.99 24.96
N ARG A 78 -15.71 17.19 24.82
CA ARG A 78 -16.04 18.31 25.70
C ARG A 78 -17.01 19.24 25.00
N PRO A 79 -18.14 19.55 25.61
CA PRO A 79 -19.12 20.44 24.95
C PRO A 79 -18.55 21.85 24.77
N VAL A 80 -18.88 22.46 23.63
CA VAL A 80 -18.42 23.80 23.31
C VAL A 80 -19.32 24.34 22.21
N GLU A 81 -19.53 25.67 22.22
CA GLU A 81 -20.32 26.35 21.22
C GLU A 81 -19.40 27.18 20.33
N VAL A 82 -19.39 26.88 19.04
CA VAL A 82 -18.58 27.59 18.07
C VAL A 82 -19.50 28.18 17.00
N TRP A 83 -19.03 29.26 16.38
CA TRP A 83 -19.79 29.93 15.34
C TRP A 83 -19.46 29.31 13.97
N LYS A 84 -20.50 29.01 13.21
CA LYS A 84 -20.36 28.44 11.87
C LYS A 84 -20.44 29.57 10.85
N LEU A 85 -19.35 29.79 10.12
CA LEU A 85 -19.23 30.90 9.18
C LEU A 85 -19.36 30.36 7.76
N TYR A 86 -20.49 30.66 7.12
CA TYR A 86 -20.71 30.24 5.73
C TYR A 86 -20.13 31.27 4.76
N PHE A 87 -19.66 30.77 3.62
CA PHE A 87 -19.06 31.62 2.60
C PHE A 87 -19.66 31.27 1.24
N THR A 88 -19.46 32.19 0.29
CA THR A 88 -20.06 32.02 -1.03
C THR A 88 -19.29 31.00 -1.88
N HIS A 89 -17.96 30.97 -1.75
CA HIS A 89 -17.14 30.07 -2.53
C HIS A 89 -16.16 29.35 -1.63
N PRO A 90 -15.84 28.08 -1.94
CA PRO A 90 -14.88 27.34 -1.10
C PRO A 90 -13.51 27.99 -1.01
N GLN A 91 -13.05 28.61 -2.09
CA GLN A 91 -11.74 29.25 -2.07
C GLN A 91 -11.72 30.54 -1.25
N ASP A 92 -12.87 30.99 -0.75
CA ASP A 92 -12.89 32.18 0.10
C ASP A 92 -12.26 31.90 1.46
N VAL A 93 -12.33 30.66 1.94
CA VAL A 93 -11.86 30.31 3.27
C VAL A 93 -10.34 30.53 3.38
N PRO A 94 -9.50 29.95 2.51
CA PRO A 94 -8.05 30.15 2.68
C PRO A 94 -7.61 31.60 2.56
N ALA A 95 -8.42 32.46 1.92
CA ALA A 95 -8.09 33.87 1.83
C ALA A 95 -8.52 34.65 3.06
N ILE A 96 -9.45 34.12 3.86
CA ILE A 96 -9.98 34.84 5.00
C ILE A 96 -9.79 34.10 6.32
N ARG A 97 -9.52 32.79 6.30
CA ARG A 97 -9.38 32.04 7.55
C ARG A 97 -8.18 32.53 8.35
N ASP A 98 -7.11 32.93 7.68
CA ASP A 98 -5.92 33.40 8.39
C ASP A 98 -6.14 34.79 8.96
N LYS A 99 -6.98 35.60 8.32
CA LYS A 99 -7.31 36.92 8.85
C LYS A 99 -8.29 36.83 10.02
N ILE A 100 -9.14 35.79 10.02
CA ILE A 100 -10.10 35.63 11.11
C ILE A 100 -9.43 35.09 12.37
N ARG A 101 -8.50 34.15 12.20
CA ARG A 101 -7.82 33.58 13.37
C ARG A 101 -6.95 34.62 14.07
N GLU A 102 -6.42 35.60 13.33
CA GLU A 102 -5.63 36.67 13.92
C GLU A 102 -6.49 37.74 14.60
N HIS A 103 -7.82 37.62 14.52
CA HIS A 103 -8.68 38.59 15.18
C HIS A 103 -8.52 38.47 16.70
N PRO A 104 -8.46 39.60 17.42
CA PRO A 104 -8.22 39.53 18.86
C PRO A 104 -9.40 38.99 19.66
N ALA A 105 -10.58 38.85 19.07
CA ALA A 105 -11.76 38.35 19.76
C ALA A 105 -12.03 36.88 19.51
N VAL A 106 -11.20 36.21 18.71
CA VAL A 106 -11.35 34.78 18.45
C VAL A 106 -10.30 34.03 19.24
N ILE A 107 -10.61 32.78 19.57
CA ILE A 107 -9.69 31.91 20.30
C ILE A 107 -8.99 30.94 19.36
N ASP A 108 -9.75 30.24 18.53
CA ASP A 108 -9.19 29.32 17.55
C ASP A 108 -10.27 28.99 16.53
N ILE A 109 -9.83 28.46 15.39
CA ILE A 109 -10.74 28.05 14.32
C ILE A 109 -10.43 26.62 13.95
N TYR A 110 -11.45 25.92 13.44
CA TYR A 110 -11.34 24.50 13.13
C TYR A 110 -12.03 24.20 11.81
N GLU A 111 -11.62 23.09 11.19
CA GLU A 111 -12.22 22.56 9.97
C GLU A 111 -12.20 23.60 8.85
N TYR A 112 -11.05 24.24 8.68
CA TYR A 112 -10.83 25.19 7.59
C TYR A 112 -10.06 24.58 6.43
N ASP A 113 -9.42 23.42 6.64
CA ASP A 113 -8.59 22.76 5.63
C ASP A 113 -9.25 21.41 5.29
N ILE A 114 -10.20 21.44 4.36
CA ILE A 114 -10.88 20.23 3.93
C ILE A 114 -11.36 20.40 2.49
N PRO A 115 -11.19 19.41 1.63
CA PRO A 115 -11.71 19.53 0.25
C PRO A 115 -13.22 19.70 0.24
N PHE A 116 -13.69 20.63 -0.59
CA PHE A 116 -15.12 20.91 -0.67
C PHE A 116 -15.89 19.76 -1.30
N ALA A 117 -15.23 18.93 -2.11
CA ALA A 117 -15.89 17.76 -2.68
C ALA A 117 -16.09 16.69 -1.61
N LYS A 118 -15.06 16.43 -0.80
CA LYS A 118 -15.19 15.44 0.26
C LYS A 118 -16.07 15.96 1.39
N ARG A 119 -16.15 17.27 1.56
CA ARG A 119 -17.05 17.85 2.56
C ARG A 119 -18.51 17.54 2.21
N TYR A 120 -18.85 17.56 0.93
CA TYR A 120 -20.21 17.21 0.51
C TYR A 120 -20.55 15.77 0.83
N LEU A 121 -19.55 14.88 0.83
CA LEU A 121 -19.82 13.48 1.16
C LEU A 121 -19.79 13.23 2.66
N ILE A 122 -18.93 13.93 3.39
CA ILE A 122 -18.92 13.82 4.85
C ILE A 122 -20.25 14.30 5.42
N ASP A 123 -20.65 15.52 5.07
CA ASP A 123 -22.00 15.96 5.37
C ASP A 123 -22.98 15.24 4.46
N LYS A 124 -24.26 15.61 4.56
CA LYS A 124 -25.33 15.06 3.71
C LYS A 124 -25.53 13.56 3.90
N GLY A 125 -24.47 12.82 4.21
CA GLY A 125 -24.56 11.40 4.46
C GLY A 125 -24.60 10.56 3.19
N LEU A 126 -23.55 10.67 2.38
CA LEU A 126 -23.46 9.93 1.13
C LEU A 126 -22.23 9.05 1.14
N VAL A 127 -22.38 7.82 0.69
CA VAL A 127 -21.30 6.83 0.67
C VAL A 127 -21.10 6.38 -0.77
N PRO A 128 -19.93 6.60 -1.35
CA PRO A 128 -19.69 6.12 -2.71
C PRO A 128 -19.65 4.60 -2.79
N MET A 129 -19.91 4.09 -3.99
CA MET A 129 -19.86 2.66 -4.29
C MET A 129 -20.84 1.87 -3.43
N GLU A 130 -21.89 2.52 -2.93
CA GLU A 130 -22.89 1.88 -2.09
C GLU A 130 -24.12 1.56 -2.94
N GLY A 131 -24.38 0.28 -3.11
CA GLY A 131 -25.50 -0.16 -3.91
C GLY A 131 -25.21 -1.49 -4.57
N ASP A 132 -26.25 -2.06 -5.18
CA ASP A 132 -26.17 -3.36 -5.85
C ASP A 132 -25.98 -3.22 -7.35
N GLU A 133 -25.47 -2.08 -7.81
CA GLU A 133 -25.37 -1.81 -9.24
C GLU A 133 -24.19 -2.56 -9.85
N GLU A 134 -24.41 -3.14 -11.03
CA GLU A 134 -23.36 -3.78 -11.80
C GLU A 134 -22.70 -2.75 -12.70
N LEU A 135 -21.42 -2.46 -12.45
CA LEU A 135 -20.70 -1.44 -13.20
C LEU A 135 -20.13 -2.02 -14.48
N LYS A 136 -20.41 -1.36 -15.60
CA LYS A 136 -19.80 -1.71 -16.87
C LYS A 136 -18.38 -1.16 -16.90
N MET A 137 -17.41 -2.03 -17.17
CA MET A 137 -16.01 -1.66 -17.11
C MET A 137 -15.23 -2.36 -18.23
N LEU A 138 -14.25 -1.65 -18.77
CA LEU A 138 -13.34 -2.21 -19.76
C LEU A 138 -11.93 -1.74 -19.44
N ALA A 139 -10.96 -2.58 -19.76
CA ALA A 139 -9.55 -2.25 -19.59
C ALA A 139 -8.91 -2.01 -20.94
N PHE A 140 -7.85 -1.20 -20.95
CA PHE A 140 -7.14 -0.96 -22.19
C PHE A 140 -5.66 -0.82 -21.92
N ALA A 141 -4.86 -1.08 -22.95
CA ALA A 141 -3.42 -0.92 -22.90
C ALA A 141 -2.92 -0.60 -24.31
N ILE A 142 -1.79 0.08 -24.38
CA ILE A 142 -1.25 0.56 -25.65
C ILE A 142 0.15 0.00 -25.86
N ALA A 143 0.57 -0.01 -27.13
CA ALA A 143 1.90 -0.39 -27.53
C ALA A 143 2.55 0.76 -28.28
N THR A 144 3.81 1.03 -27.99
CA THR A 144 4.51 2.19 -28.52
C THR A 144 5.71 1.76 -29.35
N LEU A 145 6.09 2.61 -30.30
CA LEU A 145 7.28 2.40 -31.13
C LEU A 145 8.45 3.08 -30.42
N TYR A 146 9.22 2.30 -29.67
CA TYR A 146 10.25 2.83 -28.77
C TYR A 146 11.63 2.48 -29.30
N HIS A 147 12.30 3.47 -29.90
CA HIS A 147 13.74 3.40 -30.08
C HIS A 147 14.43 3.86 -28.80
N GLU A 148 15.75 3.72 -28.76
CA GLU A 148 16.50 4.25 -27.62
C GLU A 148 16.77 5.73 -27.78
N GLY A 149 15.72 6.52 -28.00
CA GLY A 149 15.83 7.96 -28.14
C GLY A 149 15.88 8.68 -26.81
N GLU A 150 15.45 9.94 -26.82
CA GLU A 150 15.48 10.78 -25.64
C GLU A 150 14.09 11.21 -25.17
N GLU A 151 13.29 11.80 -26.06
CA GLU A 151 12.01 12.35 -25.65
C GLU A 151 11.04 11.24 -25.26
N PHE A 152 10.01 11.61 -24.49
CA PHE A 152 9.08 10.65 -23.93
C PHE A 152 8.16 10.08 -25.00
N ALA A 153 7.33 10.93 -25.60
CA ALA A 153 6.34 10.51 -26.58
C ALA A 153 6.76 10.85 -28.01
N GLU A 154 8.03 10.63 -28.33
CA GLU A 154 8.51 10.84 -29.70
C GLU A 154 8.08 9.70 -30.62
N GLY A 155 7.96 8.49 -30.08
CA GLY A 155 7.51 7.36 -30.85
C GLY A 155 5.99 7.25 -30.84
N PRO A 156 5.42 6.88 -31.98
CA PRO A 156 3.95 6.82 -32.07
C PRO A 156 3.39 5.56 -31.41
N ILE A 157 2.15 5.67 -30.97
CA ILE A 157 1.43 4.51 -30.46
C ILE A 157 1.11 3.59 -31.63
N LEU A 158 1.42 2.30 -31.48
CA LEU A 158 1.27 1.36 -32.58
C LEU A 158 -0.08 0.68 -32.59
N MET A 159 -0.59 0.27 -31.43
CA MET A 159 -1.86 -0.45 -31.37
C MET A 159 -2.47 -0.27 -29.98
N ILE A 160 -3.70 0.22 -29.95
CA ILE A 160 -4.44 0.41 -28.70
C ILE A 160 -5.41 -0.76 -28.56
N SER A 161 -5.15 -1.62 -27.57
CA SER A 161 -5.99 -2.78 -27.32
C SER A 161 -6.88 -2.52 -26.11
N TYR A 162 -8.09 -3.08 -26.15
CA TYR A 162 -9.05 -2.94 -25.07
C TYR A 162 -9.79 -4.26 -24.88
N ALA A 163 -10.29 -4.48 -23.67
CA ALA A 163 -10.98 -5.72 -23.36
C ALA A 163 -12.06 -5.46 -22.32
N ASP A 164 -13.28 -5.94 -22.61
CA ASP A 164 -14.38 -5.90 -21.66
C ASP A 164 -14.94 -7.31 -21.49
N GLU A 165 -16.27 -7.44 -21.39
CA GLU A 165 -16.88 -8.75 -21.29
C GLU A 165 -16.94 -9.46 -22.63
N GLU A 166 -17.07 -8.70 -23.73
CA GLU A 166 -17.21 -9.32 -25.04
C GLU A 166 -15.89 -9.88 -25.56
N GLY A 167 -14.76 -9.50 -24.96
CA GLY A 167 -13.47 -9.99 -25.36
C GLY A 167 -12.48 -8.86 -25.55
N ALA A 168 -11.28 -9.23 -26.00
CA ALA A 168 -10.19 -8.29 -26.20
C ALA A 168 -10.03 -8.00 -27.69
N ARG A 169 -9.98 -6.72 -28.04
CA ARG A 169 -9.81 -6.27 -29.41
C ARG A 169 -8.58 -5.39 -29.50
N VAL A 170 -7.98 -5.35 -30.70
CA VAL A 170 -6.80 -4.54 -30.97
C VAL A 170 -7.09 -3.63 -32.14
N ILE A 171 -6.62 -2.39 -32.04
CA ILE A 171 -6.81 -1.38 -33.07
C ILE A 171 -5.43 -0.88 -33.48
N THR A 172 -5.01 -1.21 -34.71
CA THR A 172 -3.71 -0.78 -35.22
C THR A 172 -3.90 -0.15 -36.60
N TRP A 173 -2.89 0.61 -37.01
CA TRP A 173 -2.87 1.26 -38.32
C TRP A 173 -1.84 0.63 -39.26
N LYS A 174 -1.47 -0.63 -39.01
CA LYS A 174 -0.58 -1.37 -39.88
C LYS A 174 -1.32 -2.60 -40.41
N ASN A 175 -0.76 -3.19 -41.46
CA ASN A 175 -1.40 -4.33 -42.13
C ASN A 175 -1.20 -5.58 -41.27
N VAL A 176 -2.21 -5.90 -40.45
CA VAL A 176 -2.22 -7.10 -39.63
C VAL A 176 -3.56 -7.79 -39.83
N ASP A 177 -3.53 -9.09 -40.12
CA ASP A 177 -4.74 -9.87 -40.39
C ASP A 177 -4.96 -10.84 -39.23
N LEU A 178 -5.83 -10.45 -38.32
CA LEU A 178 -6.21 -11.27 -37.17
C LEU A 178 -7.69 -11.05 -36.88
N PRO A 179 -8.34 -12.02 -36.23
CA PRO A 179 -9.78 -11.87 -35.97
C PRO A 179 -10.12 -10.71 -35.04
N TYR A 180 -9.25 -10.41 -34.07
CA TYR A 180 -9.53 -9.38 -33.08
C TYR A 180 -8.76 -8.08 -33.33
N VAL A 181 -8.20 -7.91 -34.53
CA VAL A 181 -7.40 -6.73 -34.86
C VAL A 181 -8.19 -5.86 -35.83
N ASP A 182 -8.37 -4.60 -35.46
CA ASP A 182 -9.03 -3.61 -36.31
C ASP A 182 -7.97 -2.78 -37.00
N VAL A 183 -8.01 -2.75 -38.33
CA VAL A 183 -7.02 -2.04 -39.14
C VAL A 183 -7.61 -0.69 -39.54
N VAL A 184 -6.82 0.38 -39.36
CA VAL A 184 -7.21 1.72 -39.73
C VAL A 184 -6.11 2.33 -40.59
N SER A 185 -6.30 3.60 -40.96
CA SER A 185 -5.38 4.26 -41.89
C SER A 185 -4.06 4.65 -41.20
N THR A 186 -4.11 5.64 -40.32
CA THR A 186 -2.93 6.14 -39.64
C THR A 186 -3.15 6.11 -38.14
N GLU A 187 -2.14 6.59 -37.40
CA GLU A 187 -2.23 6.62 -35.94
C GLU A 187 -3.38 7.52 -35.49
N ARG A 188 -3.62 8.61 -36.21
CA ARG A 188 -4.74 9.49 -35.88
C ARG A 188 -6.07 8.75 -36.00
N GLU A 189 -6.17 7.84 -36.96
CA GLU A 189 -7.45 7.16 -37.21
C GLU A 189 -7.78 6.17 -36.10
N MET A 190 -6.77 5.61 -35.42
CA MET A 190 -7.04 4.65 -34.36
C MET A 190 -7.28 5.32 -33.01
N ILE A 191 -6.73 6.52 -32.80
CA ILE A 191 -7.00 7.25 -31.56
C ILE A 191 -8.45 7.73 -31.55
N LYS A 192 -8.90 8.29 -32.68
CA LYS A 192 -10.32 8.62 -32.80
C LYS A 192 -11.18 7.37 -32.84
N ARG A 193 -10.62 6.25 -33.28
CA ARG A 193 -11.35 4.98 -33.24
C ARG A 193 -11.53 4.52 -31.80
N PHE A 194 -10.52 4.71 -30.96
CA PHE A 194 -10.64 4.33 -29.55
C PHE A 194 -11.67 5.17 -28.84
N LEU A 195 -11.73 6.48 -29.15
CA LEU A 195 -12.77 7.33 -28.60
C LEU A 195 -14.16 6.85 -29.04
N ARG A 196 -14.27 6.42 -30.30
CA ARG A 196 -15.55 5.88 -30.78
C ARG A 196 -15.95 4.63 -30.03
N VAL A 197 -14.97 3.83 -29.60
CA VAL A 197 -15.28 2.60 -28.87
C VAL A 197 -15.60 2.91 -27.41
N VAL A 198 -14.86 3.83 -26.79
CA VAL A 198 -15.10 4.17 -25.39
C VAL A 198 -16.48 4.77 -25.21
N LYS A 199 -16.88 5.65 -26.13
CA LYS A 199 -18.22 6.23 -26.05
C LYS A 199 -19.30 5.20 -26.34
N GLU A 200 -18.99 4.17 -27.13
CA GLU A 200 -19.99 3.18 -27.49
C GLU A 200 -20.11 2.07 -26.44
N LYS A 201 -18.99 1.62 -25.90
CA LYS A 201 -19.04 0.58 -24.87
C LYS A 201 -19.74 1.07 -23.60
N ASP A 202 -19.70 2.39 -23.36
CA ASP A 202 -20.31 3.03 -22.20
C ASP A 202 -19.81 2.42 -20.89
N PRO A 203 -18.52 2.56 -20.55
CA PRO A 203 -18.04 2.05 -19.28
C PRO A 203 -18.02 3.10 -18.19
N ASP A 204 -18.12 2.63 -16.94
CA ASP A 204 -18.01 3.47 -15.78
C ASP A 204 -16.69 3.32 -15.04
N VAL A 205 -15.96 2.24 -15.25
CA VAL A 205 -14.67 2.00 -14.63
C VAL A 205 -13.66 1.71 -15.74
N LEU A 206 -12.68 2.60 -15.90
CA LEU A 206 -11.61 2.41 -16.87
C LEU A 206 -10.43 1.77 -16.15
N ILE A 207 -10.15 0.51 -16.47
CA ILE A 207 -9.10 -0.25 -15.81
C ILE A 207 -7.82 -0.14 -16.62
N THR A 208 -6.72 0.17 -15.95
CA THR A 208 -5.41 0.22 -16.58
C THR A 208 -4.36 -0.29 -15.59
N TYR A 209 -3.20 -0.64 -16.13
CA TYR A 209 -2.05 -1.04 -15.33
C TYR A 209 -0.96 0.02 -15.54
N ASN A 210 -0.67 0.77 -14.48
CA ASN A 210 0.27 1.90 -14.53
C ASN A 210 -0.19 2.96 -15.53
N GLY A 211 -1.50 3.06 -15.75
CA GLY A 211 -2.05 4.08 -16.61
C GLY A 211 -1.96 5.49 -16.06
N ASP A 212 -1.65 5.63 -14.77
CA ASP A 212 -1.51 6.95 -14.18
C ASP A 212 -0.25 7.66 -14.68
N ASN A 213 0.84 6.91 -14.83
CA ASN A 213 2.13 7.49 -15.16
C ASN A 213 2.56 7.27 -16.61
N PHE A 214 1.86 6.44 -17.37
CA PHE A 214 2.31 6.15 -18.73
C PHE A 214 1.22 6.33 -19.76
N ASP A 215 0.22 5.44 -19.77
CA ASP A 215 -0.77 5.39 -20.83
C ASP A 215 -1.44 6.75 -21.06
N PHE A 216 -2.13 7.26 -20.03
CA PHE A 216 -2.81 8.55 -20.17
C PHE A 216 -1.83 9.68 -20.39
N ALA A 217 -0.62 9.56 -19.84
CA ALA A 217 0.41 10.57 -20.11
C ALA A 217 0.98 10.43 -21.51
N TYR A 218 0.92 9.22 -22.08
CA TYR A 218 1.41 9.01 -23.44
C TYR A 218 0.36 9.40 -24.47
N LEU A 219 -0.89 9.00 -24.25
CA LEU A 219 -1.96 9.33 -25.20
C LEU A 219 -2.19 10.83 -25.26
N LYS A 220 -2.05 11.53 -24.12
CA LYS A 220 -2.22 12.97 -24.11
C LYS A 220 -1.15 13.65 -24.96
N LYS A 221 0.12 13.39 -24.64
CA LYS A 221 1.23 13.97 -25.39
C LYS A 221 1.20 13.58 -26.86
N ARG A 222 0.58 12.45 -27.20
CA ARG A 222 0.44 12.08 -28.60
C ARG A 222 -0.70 12.85 -29.26
N CYS A 223 -1.75 13.18 -28.52
CA CYS A 223 -2.82 13.99 -29.08
C CYS A 223 -2.42 15.45 -29.22
N GLU A 224 -1.44 15.92 -28.44
CA GLU A 224 -0.87 17.24 -28.68
C GLU A 224 -0.18 17.29 -30.04
N LYS A 225 0.37 16.17 -30.48
CA LYS A 225 1.06 16.10 -31.76
C LYS A 225 0.06 16.01 -32.92
N LEU A 226 -1.02 15.27 -32.74
CA LEU A 226 -2.01 15.07 -33.79
C LEU A 226 -3.17 16.05 -33.72
N GLY A 227 -3.27 16.84 -32.66
CA GLY A 227 -4.36 17.80 -32.57
C GLY A 227 -5.72 17.16 -32.38
N ILE A 228 -5.79 16.15 -31.53
CA ILE A 228 -7.01 15.37 -31.31
C ILE A 228 -7.57 15.74 -29.94
N ASN A 229 -8.88 15.95 -29.89
CA ASN A 229 -9.59 16.21 -28.63
C ASN A 229 -9.89 14.87 -27.98
N PHE A 230 -9.11 14.53 -26.95
CA PHE A 230 -9.23 13.24 -26.26
C PHE A 230 -10.36 13.29 -25.23
N ALA A 231 -11.58 13.41 -25.74
CA ALA A 231 -12.77 13.52 -24.90
C ALA A 231 -13.17 12.13 -24.40
N LEU A 232 -12.51 11.71 -23.32
CA LEU A 232 -12.79 10.41 -22.72
C LEU A 232 -13.91 10.47 -21.67
N GLY A 233 -14.04 11.59 -20.96
CA GLY A 233 -14.96 11.64 -19.85
C GLY A 233 -16.42 11.73 -20.29
N ARG A 234 -17.29 11.36 -19.36
CA ARG A 234 -18.73 11.54 -19.56
C ARG A 234 -19.06 13.02 -19.77
N ASP A 235 -18.43 13.90 -18.99
CA ASP A 235 -18.61 15.33 -19.15
C ASP A 235 -18.11 15.82 -20.51
N GLY A 236 -17.27 15.04 -21.17
CA GLY A 236 -16.65 15.45 -22.43
C GLY A 236 -15.28 16.05 -22.29
N SER A 237 -14.65 15.93 -21.12
CA SER A 237 -13.36 16.53 -20.84
C SER A 237 -12.23 15.57 -21.17
N GLU A 238 -11.04 16.12 -21.39
CA GLU A 238 -9.86 15.30 -21.54
C GLU A 238 -9.42 14.78 -20.17
N PRO A 239 -8.70 13.66 -20.13
CA PRO A 239 -8.25 13.12 -18.84
C PRO A 239 -7.43 14.13 -18.05
N LYS A 240 -7.93 14.48 -16.87
CA LYS A 240 -7.28 15.44 -16.00
C LYS A 240 -6.21 14.76 -15.15
N ILE A 241 -5.11 15.47 -14.91
CA ILE A 241 -3.98 14.94 -14.17
C ILE A 241 -3.85 15.71 -12.87
N GLN A 242 -3.68 14.97 -11.76
CA GLN A 242 -3.48 15.56 -10.45
C GLN A 242 -2.22 14.97 -9.83
N ARG A 243 -1.34 15.84 -9.33
CA ARG A 243 -0.09 15.40 -8.74
C ARG A 243 -0.32 15.01 -7.29
N MET A 244 0.04 13.79 -6.93
CA MET A 244 -0.07 13.29 -5.56
C MET A 244 1.32 13.29 -4.93
N GLY A 245 1.59 14.30 -4.11
CA GLY A 245 2.87 14.41 -3.43
C GLY A 245 4.03 14.56 -4.39
N ASP A 246 4.56 13.43 -4.86
CA ASP A 246 5.68 13.43 -5.80
C ASP A 246 5.26 12.93 -7.18
N ARG A 247 4.71 11.72 -7.26
CA ARG A 247 4.22 11.19 -8.54
C ARG A 247 2.89 11.84 -8.88
N PHE A 248 2.23 11.34 -9.92
CA PHE A 248 0.95 11.89 -10.35
C PHE A 248 0.02 10.76 -10.76
N ALA A 249 -1.26 11.11 -10.92
CA ALA A 249 -2.29 10.17 -11.34
C ALA A 249 -3.22 10.87 -12.33
N VAL A 250 -4.01 10.08 -13.03
CA VAL A 250 -4.92 10.58 -14.06
C VAL A 250 -6.33 10.11 -13.75
N GLU A 251 -7.30 11.00 -13.84
CA GLU A 251 -8.70 10.68 -13.63
C GLU A 251 -9.50 10.99 -14.89
N VAL A 252 -10.56 10.21 -15.10
CA VAL A 252 -11.48 10.41 -16.20
C VAL A 252 -12.83 10.76 -15.58
N LYS A 253 -13.27 12.00 -15.77
CA LYS A 253 -14.48 12.48 -15.13
C LYS A 253 -15.71 11.73 -15.64
N GLY A 254 -16.68 11.53 -14.75
CA GLY A 254 -17.83 10.70 -15.03
C GLY A 254 -17.58 9.21 -14.92
N ARG A 255 -16.33 8.77 -14.94
CA ARG A 255 -15.95 7.39 -14.82
C ARG A 255 -15.06 7.22 -13.59
N ILE A 256 -14.41 6.06 -13.50
CA ILE A 256 -13.47 5.76 -12.43
C ILE A 256 -12.23 5.14 -13.07
N HIS A 257 -11.13 5.88 -13.10
CA HIS A 257 -9.87 5.36 -13.62
C HIS A 257 -9.28 4.42 -12.57
N PHE A 258 -9.43 3.11 -12.80
CA PHE A 258 -8.95 2.09 -11.87
C PHE A 258 -7.56 1.67 -12.32
N ASP A 259 -6.55 2.31 -11.77
CA ASP A 259 -5.16 1.92 -12.02
C ASP A 259 -4.81 0.79 -11.06
N LEU A 260 -4.51 -0.38 -11.62
CA LEU A 260 -4.25 -1.56 -10.79
C LEU A 260 -2.88 -1.51 -10.13
N TYR A 261 -1.94 -0.75 -10.67
CA TYR A 261 -0.58 -0.76 -10.13
C TYR A 261 -0.51 -0.28 -8.69
N PRO A 262 -1.06 0.89 -8.31
CA PRO A 262 -0.97 1.29 -6.89
C PRO A 262 -1.72 0.38 -5.95
N VAL A 263 -2.76 -0.31 -6.42
CA VAL A 263 -3.53 -1.19 -5.57
C VAL A 263 -2.79 -2.50 -5.32
N ILE A 264 -2.27 -3.11 -6.37
CA ILE A 264 -1.60 -4.40 -6.24
C ILE A 264 -0.29 -4.28 -5.49
N ARG A 265 0.33 -3.10 -5.46
CA ARG A 265 1.55 -2.91 -4.68
C ARG A 265 1.28 -3.16 -3.20
N ARG A 266 0.19 -2.61 -2.68
CA ARG A 266 -0.14 -2.79 -1.27
C ARG A 266 -0.87 -4.10 -1.00
N THR A 267 -1.52 -4.67 -2.02
CA THR A 267 -2.34 -5.86 -1.78
C THR A 267 -1.48 -7.10 -1.60
N ILE A 268 -0.46 -7.27 -2.42
CA ILE A 268 0.43 -8.43 -2.36
C ILE A 268 1.86 -7.97 -2.58
N ASN A 269 2.78 -8.55 -1.83
CA ASN A 269 4.21 -8.22 -1.92
C ASN A 269 4.91 -9.32 -2.71
N LEU A 270 5.51 -8.95 -3.84
CA LEU A 270 6.19 -9.86 -4.73
C LEU A 270 7.55 -9.29 -5.08
N PRO A 271 8.50 -10.13 -5.50
CA PRO A 271 9.81 -9.59 -5.90
C PRO A 271 9.75 -8.66 -7.09
N THR A 272 8.96 -8.99 -8.10
CA THR A 272 8.78 -8.13 -9.27
C THR A 272 7.30 -7.88 -9.48
N TYR A 273 6.98 -6.67 -9.96
CA TYR A 273 5.60 -6.24 -10.16
C TYR A 273 5.24 -6.08 -11.63
N THR A 274 5.94 -6.78 -12.51
CA THR A 274 5.54 -6.80 -13.91
C THR A 274 4.20 -7.52 -14.07
N LEU A 275 3.45 -7.13 -15.10
CA LEU A 275 2.13 -7.72 -15.32
C LEU A 275 2.22 -9.22 -15.57
N GLU A 276 3.38 -9.71 -15.99
CA GLU A 276 3.55 -11.15 -16.16
C GLU A 276 3.54 -11.87 -14.82
N ALA A 277 4.29 -11.35 -13.85
CA ALA A 277 4.36 -11.99 -12.54
C ALA A 277 3.06 -11.78 -11.75
N VAL A 278 2.40 -10.64 -11.92
CA VAL A 278 1.16 -10.38 -11.20
C VAL A 278 0.06 -11.34 -11.67
N TYR A 279 -0.06 -11.50 -12.99
CA TYR A 279 -1.05 -12.44 -13.51
C TYR A 279 -0.69 -13.89 -13.14
N GLU A 280 0.60 -14.19 -13.01
CA GLU A 280 0.99 -15.53 -12.58
C GLU A 280 0.70 -15.75 -11.10
N ALA A 281 0.97 -14.73 -10.27
CA ALA A 281 0.76 -14.89 -8.83
C ALA A 281 -0.72 -14.88 -8.47
N VAL A 282 -1.58 -14.30 -9.30
CA VAL A 282 -3.00 -14.21 -8.99
C VAL A 282 -3.79 -15.35 -9.64
N PHE A 283 -3.46 -15.68 -10.89
CA PHE A 283 -4.23 -16.68 -11.63
C PHE A 283 -3.47 -17.98 -11.88
N GLY A 284 -2.17 -18.04 -11.55
CA GLY A 284 -1.42 -19.27 -11.75
C GLY A 284 -1.15 -19.63 -13.19
N GLN A 285 -1.45 -18.75 -14.14
CA GLN A 285 -1.23 -19.03 -15.55
C GLN A 285 -0.10 -18.15 -16.09
N PRO A 286 0.82 -18.70 -16.87
CA PRO A 286 1.94 -17.89 -17.37
C PRO A 286 1.49 -16.97 -18.49
N LYS A 287 2.08 -15.77 -18.52
CA LYS A 287 1.85 -14.79 -19.57
C LYS A 287 3.18 -14.41 -20.18
N GLU A 288 3.24 -14.38 -21.52
CA GLU A 288 4.47 -14.06 -22.21
C GLU A 288 4.67 -12.54 -22.26
N LYS A 289 5.93 -12.13 -22.38
CA LYS A 289 6.30 -10.72 -22.42
C LYS A 289 7.17 -10.45 -23.64
N VAL A 290 6.71 -9.56 -24.51
CA VAL A 290 7.54 -9.04 -25.58
C VAL A 290 7.97 -7.63 -25.19
N TYR A 291 9.18 -7.26 -25.57
CA TYR A 291 9.77 -6.00 -25.14
C TYR A 291 9.68 -4.96 -26.24
N ALA A 292 9.84 -3.69 -25.84
CA ALA A 292 9.76 -2.59 -26.78
C ALA A 292 10.82 -2.69 -27.87
N GLU A 293 11.99 -3.26 -27.54
CA GLU A 293 12.99 -3.49 -28.56
C GLU A 293 12.53 -4.55 -29.56
N GLU A 294 11.83 -5.57 -29.08
CA GLU A 294 11.25 -6.55 -29.99
C GLU A 294 10.06 -5.98 -30.76
N ILE A 295 9.30 -5.08 -30.13
CA ILE A 295 8.15 -4.48 -30.80
C ILE A 295 8.62 -3.50 -31.88
N THR A 296 9.60 -2.67 -31.55
CA THR A 296 10.10 -1.70 -32.52
C THR A 296 10.78 -2.41 -33.69
N THR A 297 11.61 -3.41 -33.42
CA THR A 297 12.27 -4.15 -34.48
C THR A 297 11.27 -4.89 -35.36
N ALA A 298 10.15 -5.32 -34.78
CA ALA A 298 9.13 -6.02 -35.55
C ALA A 298 8.24 -5.07 -36.36
N TRP A 299 8.15 -3.81 -35.96
CA TRP A 299 7.32 -2.86 -36.69
C TRP A 299 8.06 -2.15 -37.80
N GLU A 300 9.38 -1.97 -37.65
CA GLU A 300 10.17 -1.39 -38.73
C GLU A 300 10.19 -2.32 -39.94
N THR A 301 10.54 -3.59 -39.73
CA THR A 301 10.58 -4.55 -40.82
C THR A 301 9.19 -4.97 -41.27
N GLY A 302 8.16 -4.75 -40.46
CA GLY A 302 6.84 -5.22 -40.79
C GLY A 302 6.63 -6.70 -40.60
N GLU A 303 7.59 -7.41 -40.03
CA GLU A 303 7.52 -8.84 -39.82
C GLU A 303 7.29 -9.14 -38.34
N ASN A 304 6.67 -10.30 -38.09
CA ASN A 304 6.37 -10.76 -36.73
C ASN A 304 5.48 -9.78 -35.97
N LEU A 305 4.66 -9.02 -36.69
CA LEU A 305 3.69 -8.15 -36.05
C LEU A 305 2.50 -8.92 -35.47
N GLU A 306 2.41 -10.23 -35.73
CA GLU A 306 1.34 -11.03 -35.17
C GLU A 306 1.49 -11.18 -33.67
N ARG A 307 2.73 -11.28 -33.18
CA ARG A 307 2.95 -11.41 -31.74
C ARG A 307 2.68 -10.09 -31.02
N VAL A 308 3.08 -8.97 -31.63
CA VAL A 308 2.87 -7.68 -30.99
C VAL A 308 1.37 -7.41 -30.81
N ALA A 309 0.57 -7.75 -31.81
CA ALA A 309 -0.88 -7.64 -31.65
C ALA A 309 -1.40 -8.71 -30.69
N ARG A 310 -0.73 -9.86 -30.63
CA ARG A 310 -1.15 -10.90 -29.69
C ARG A 310 -0.78 -10.53 -28.26
N TYR A 311 0.40 -9.94 -28.06
CA TYR A 311 0.79 -9.50 -26.72
C TYR A 311 -0.11 -8.35 -26.24
N SER A 312 -0.35 -7.37 -27.12
CA SER A 312 -1.22 -6.25 -26.75
C SER A 312 -2.63 -6.73 -26.45
N MET A 313 -3.09 -7.76 -27.17
CA MET A 313 -4.40 -8.35 -26.85
C MET A 313 -4.38 -9.00 -25.47
N GLU A 314 -3.23 -9.53 -25.05
CA GLU A 314 -3.11 -10.09 -23.72
C GLU A 314 -3.16 -9.01 -22.65
N ASP A 315 -2.47 -7.90 -22.88
CA ASP A 315 -2.41 -6.83 -21.88
C ASP A 315 -3.79 -6.29 -21.55
N ALA A 316 -4.66 -6.19 -22.55
CA ALA A 316 -6.01 -5.72 -22.29
C ALA A 316 -6.85 -6.77 -21.56
N LYS A 317 -6.73 -8.03 -21.98
CA LYS A 317 -7.52 -9.10 -21.36
C LYS A 317 -7.02 -9.40 -19.95
N VAL A 318 -5.71 -9.35 -19.73
CA VAL A 318 -5.16 -9.60 -18.40
C VAL A 318 -5.52 -8.46 -17.45
N THR A 319 -5.47 -7.22 -17.93
CA THR A 319 -5.81 -6.08 -17.08
C THR A 319 -7.29 -6.09 -16.71
N TYR A 320 -8.16 -6.60 -17.58
CA TYR A 320 -9.58 -6.63 -17.26
C TYR A 320 -9.89 -7.69 -16.21
N GLU A 321 -9.26 -8.86 -16.31
CA GLU A 321 -9.48 -9.90 -15.31
C GLU A 321 -9.02 -9.45 -13.93
N LEU A 322 -7.81 -8.87 -13.86
CA LEU A 322 -7.32 -8.38 -12.58
C LEU A 322 -8.20 -7.24 -12.05
N GLY A 323 -8.58 -6.31 -12.92
CA GLY A 323 -9.47 -5.23 -12.52
C GLY A 323 -10.85 -5.70 -12.10
N LYS A 324 -11.23 -6.92 -12.48
CA LYS A 324 -12.52 -7.48 -12.09
C LYS A 324 -12.47 -8.19 -10.76
N GLU A 325 -11.31 -8.78 -10.41
CA GLU A 325 -11.18 -9.45 -9.12
C GLU A 325 -11.00 -8.47 -7.97
N PHE A 326 -10.27 -7.39 -8.21
CA PHE A 326 -9.92 -6.45 -7.15
C PHE A 326 -10.90 -5.29 -7.02
N LEU A 327 -11.86 -5.16 -7.93
CA LEU A 327 -12.85 -4.09 -7.80
C LEU A 327 -13.74 -4.25 -6.57
N PRO A 328 -14.29 -5.43 -6.26
CA PRO A 328 -15.06 -5.55 -5.02
C PRO A 328 -14.25 -5.28 -3.76
N MET A 329 -12.94 -5.55 -3.81
CA MET A 329 -12.09 -5.27 -2.65
C MET A 329 -11.96 -3.76 -2.43
N GLU A 330 -11.75 -3.00 -3.51
CA GLU A 330 -11.67 -1.55 -3.39
C GLU A 330 -13.03 -0.89 -3.29
N ALA A 331 -14.10 -1.57 -3.72
CA ALA A 331 -15.44 -1.01 -3.59
C ALA A 331 -15.87 -0.97 -2.13
N GLN A 332 -15.68 -2.07 -1.40
CA GLN A 332 -16.01 -2.09 0.02
C GLN A 332 -15.06 -1.17 0.80
N LEU A 333 -13.77 -1.18 0.45
CA LEU A 333 -12.83 -0.28 1.09
C LEU A 333 -13.22 1.18 0.87
N SER A 334 -13.83 1.49 -0.28
CA SER A 334 -14.34 2.82 -0.51
C SER A 334 -15.61 3.08 0.31
N ARG A 335 -16.40 2.04 0.58
CA ARG A 335 -17.60 2.22 1.40
C ARG A 335 -17.23 2.46 2.86
N LEU A 336 -16.19 1.80 3.36
CA LEU A 336 -15.76 1.99 4.74
C LEU A 336 -15.27 3.43 4.95
N ILE A 337 -14.29 3.85 4.16
CA ILE A 337 -13.76 5.20 4.30
C ILE A 337 -14.79 6.24 3.87
N GLY A 338 -15.62 5.92 2.89
CA GLY A 338 -16.66 6.84 2.46
C GLY A 338 -16.21 7.88 1.46
N GLN A 339 -15.21 7.56 0.63
CA GLN A 339 -14.70 8.48 -0.38
C GLN A 339 -14.74 7.79 -1.74
N SER A 340 -14.38 8.53 -2.78
CA SER A 340 -14.41 7.99 -4.13
C SER A 340 -13.42 6.85 -4.28
N LEU A 341 -13.75 5.91 -5.18
CA LEU A 341 -12.87 4.78 -5.41
C LEU A 341 -11.52 5.22 -5.96
N TRP A 342 -11.50 6.28 -6.75
CA TRP A 342 -10.22 6.76 -7.29
C TRP A 342 -9.32 7.29 -6.18
N ASP A 343 -9.90 7.94 -5.18
CA ASP A 343 -9.10 8.46 -4.07
C ASP A 343 -8.62 7.33 -3.17
N VAL A 344 -9.52 6.44 -2.77
CA VAL A 344 -9.18 5.40 -1.80
C VAL A 344 -8.17 4.42 -2.39
N SER A 345 -8.31 4.10 -3.67
CA SER A 345 -7.46 3.07 -4.28
C SER A 345 -6.00 3.51 -4.39
N ARG A 346 -5.73 4.81 -4.37
CA ARG A 346 -4.37 5.31 -4.58
C ARG A 346 -3.83 6.14 -3.42
N SER A 347 -4.65 6.46 -2.42
CA SER A 347 -4.19 7.28 -1.31
C SER A 347 -3.54 6.42 -0.24
N SER A 348 -2.78 7.09 0.64
CA SER A 348 -2.07 6.40 1.70
C SER A 348 -3.04 5.97 2.80
N THR A 349 -2.56 5.07 3.67
CA THR A 349 -3.37 4.63 4.78
C THR A 349 -3.61 5.74 5.80
N GLY A 350 -2.68 6.70 5.88
CA GLY A 350 -2.86 7.81 6.81
C GLY A 350 -4.00 8.74 6.42
N ASN A 351 -4.23 8.92 5.13
CA ASN A 351 -5.34 9.75 4.68
C ASN A 351 -6.67 9.01 4.75
N LEU A 352 -6.66 7.69 4.59
CA LEU A 352 -7.89 6.92 4.75
C LEU A 352 -8.42 7.02 6.17
N VAL A 353 -7.52 6.98 7.16
CA VAL A 353 -7.92 7.22 8.54
C VAL A 353 -8.40 8.66 8.72
N GLU A 354 -7.77 9.59 8.02
CA GLU A 354 -8.17 10.99 8.13
C GLU A 354 -9.57 11.20 7.58
N TRP A 355 -9.88 10.59 6.44
CA TRP A 355 -11.21 10.73 5.84
C TRP A 355 -12.27 9.99 6.65
N PHE A 356 -11.89 8.87 7.28
CA PHE A 356 -12.87 8.08 8.02
C PHE A 356 -13.29 8.79 9.31
N LEU A 357 -12.33 9.32 10.05
CA LEU A 357 -12.65 9.98 11.33
C LEU A 357 -13.41 11.27 11.11
N LEU A 358 -13.07 12.02 10.06
CA LEU A 358 -13.78 13.26 9.76
C LEU A 358 -15.25 13.00 9.45
N ARG A 359 -15.53 11.88 8.76
CA ARG A 359 -16.92 11.51 8.53
C ARG A 359 -17.60 11.07 9.81
N LYS A 360 -16.88 10.36 10.67
CA LYS A 360 -17.44 9.92 11.95
C LYS A 360 -17.55 11.07 12.94
N ALA A 361 -16.57 11.98 12.94
CA ALA A 361 -16.65 13.15 13.82
C ALA A 361 -17.86 14.01 13.50
N TYR A 362 -18.30 14.01 12.24
CA TYR A 362 -19.52 14.73 11.89
C TYR A 362 -20.76 13.98 12.36
N GLU A 363 -20.70 12.64 12.40
CA GLU A 363 -21.80 11.87 12.95
C GLU A 363 -21.88 12.04 14.46
N ARG A 364 -20.76 11.81 15.16
CA ARG A 364 -20.66 12.01 16.60
C ARG A 364 -20.77 13.47 17.01
N ASN A 365 -20.95 14.40 16.06
CA ASN A 365 -20.98 15.84 16.32
C ASN A 365 -19.69 16.30 16.97
N GLU A 366 -18.60 15.58 16.72
CA GLU A 366 -17.29 15.91 17.26
C GLU A 366 -16.59 16.91 16.34
N LEU A 367 -16.13 18.01 16.94
CA LEU A 367 -15.37 19.01 16.20
C LEU A 367 -13.93 18.53 16.05
N ALA A 368 -13.52 18.27 14.82
CA ALA A 368 -12.21 17.67 14.60
C ALA A 368 -11.11 18.69 14.87
N PRO A 369 -9.95 18.26 15.40
CA PRO A 369 -8.85 19.20 15.60
C PRO A 369 -8.15 19.55 14.29
N ASN A 370 -7.06 20.29 14.37
CA ASN A 370 -6.35 20.78 13.20
C ASN A 370 -5.00 20.07 13.05
N LYS A 371 -4.40 20.26 11.89
CA LYS A 371 -3.06 19.75 11.62
C LYS A 371 -2.01 20.72 12.16
N PRO A 372 -0.85 20.22 12.58
CA PRO A 372 0.12 21.08 13.25
C PRO A 372 0.81 22.04 12.30
N ASP A 373 1.19 23.19 12.84
CA ASP A 373 2.07 24.12 12.14
C ASP A 373 3.51 23.66 12.32
N GLU A 374 4.47 24.51 11.97
CA GLU A 374 5.87 24.14 12.18
C GLU A 374 6.23 24.02 13.65
N LYS A 375 5.62 24.85 14.50
CA LYS A 375 5.91 24.83 15.92
C LYS A 375 5.42 23.53 16.56
N GLU A 376 4.12 23.24 16.40
CA GLU A 376 3.55 22.07 17.05
C GLU A 376 4.10 20.77 16.48
N LEU A 377 4.32 20.72 15.16
CA LEU A 377 4.89 19.52 14.56
C LEU A 377 6.32 19.29 15.04
N ALA A 378 7.03 20.36 15.41
CA ALA A 378 8.37 20.20 15.95
C ALA A 378 8.34 19.56 17.33
N ARG A 379 7.27 19.78 18.10
CA ARG A 379 7.13 19.12 19.39
C ARG A 379 6.91 17.62 19.21
N ARG A 380 6.24 17.21 18.14
CA ARG A 380 5.91 15.82 17.90
C ARG A 380 7.08 15.02 17.32
N ARG A 381 8.31 15.54 17.43
CA ARG A 381 9.49 14.76 17.09
C ARG A 381 9.80 13.69 18.13
N GLN A 382 9.02 13.58 19.18
CA GLN A 382 9.26 12.60 20.22
C GLN A 382 9.04 11.19 19.68
N SER A 383 9.84 10.25 20.19
CA SER A 383 9.71 8.85 19.85
C SER A 383 9.42 8.05 21.12
N TYR A 384 8.82 6.89 20.94
CA TYR A 384 8.46 6.02 22.05
C TYR A 384 8.93 4.60 21.76
N GLU A 385 8.92 3.77 22.79
CA GLU A 385 9.33 2.38 22.70
C GLU A 385 8.12 1.49 22.50
N GLY A 386 8.21 0.56 21.57
CA GLY A 386 7.10 -0.34 21.30
C GLY A 386 7.46 -1.57 20.50
N GLY A 387 7.19 -2.75 21.06
CA GLY A 387 7.51 -3.99 20.40
C GLY A 387 8.60 -4.77 21.09
N TYR A 388 8.30 -6.01 21.49
CA TYR A 388 9.24 -6.85 22.20
C TYR A 388 9.60 -8.05 21.31
N VAL A 389 10.74 -7.95 20.63
CA VAL A 389 11.26 -9.04 19.82
C VAL A 389 12.21 -9.86 20.69
N LYS A 390 11.85 -11.12 20.92
CA LYS A 390 12.66 -11.99 21.76
C LYS A 390 13.84 -12.55 20.98
N GLU A 391 14.99 -12.62 21.64
CA GLU A 391 16.17 -13.24 21.04
C GLU A 391 15.87 -14.71 20.75
N PRO A 392 15.85 -15.12 19.49
CA PRO A 392 15.41 -16.49 19.17
C PRO A 392 16.44 -17.53 19.58
N GLU A 393 15.94 -18.74 19.82
CA GLU A 393 16.79 -19.89 20.11
C GLU A 393 17.35 -20.40 18.78
N ARG A 394 18.60 -20.05 18.49
CA ARG A 394 19.19 -20.39 17.20
C ARG A 394 19.30 -21.90 17.06
N GLY A 395 18.88 -22.41 15.90
CA GLY A 395 18.92 -23.83 15.63
C GLY A 395 17.64 -24.34 14.97
N LEU A 396 17.60 -25.64 14.68
CA LEU A 396 16.45 -26.27 14.05
C LEU A 396 15.63 -26.99 15.12
N TRP A 397 14.35 -26.67 15.20
CA TRP A 397 13.42 -27.32 16.11
C TRP A 397 12.27 -27.92 15.33
N GLU A 398 11.50 -28.78 16.01
CA GLU A 398 10.43 -29.52 15.37
C GLU A 398 9.13 -29.36 16.15
N ASN A 399 8.01 -29.61 15.46
CA ASN A 399 6.68 -29.59 16.06
C ASN A 399 6.39 -28.26 16.76
N ILE A 400 6.71 -27.17 16.08
CA ILE A 400 6.53 -25.84 16.63
C ILE A 400 5.12 -25.33 16.29
N VAL A 401 4.55 -24.55 17.19
CA VAL A 401 3.21 -24.01 17.06
C VAL A 401 3.29 -22.49 17.17
N TYR A 402 2.61 -21.79 16.26
CA TYR A 402 2.58 -20.34 16.26
C TYR A 402 1.23 -19.87 16.79
N LEU A 403 1.22 -19.36 18.02
CA LEU A 403 0.02 -18.81 18.64
C LEU A 403 0.18 -17.29 18.71
N ASP A 404 -0.59 -16.59 17.90
CA ASP A 404 -0.48 -15.14 17.79
C ASP A 404 -1.78 -14.47 18.23
N PHE A 405 -1.64 -13.26 18.77
CA PHE A 405 -2.81 -12.47 19.13
C PHE A 405 -3.57 -12.05 17.88
N ARG A 406 -4.89 -11.98 18.01
CA ARG A 406 -5.75 -11.55 16.92
C ARG A 406 -6.02 -10.05 17.06
N SER A 407 -5.41 -9.26 16.17
CA SER A 407 -5.54 -7.80 16.18
C SER A 407 -5.18 -7.25 17.56
N LEU A 408 -3.91 -7.42 17.93
CA LEU A 408 -3.46 -7.08 19.28
C LEU A 408 -3.63 -5.58 19.56
N TYR A 409 -3.00 -4.74 18.73
CA TYR A 409 -3.03 -3.31 18.98
C TYR A 409 -4.43 -2.71 18.89
N PRO A 410 -5.29 -3.06 17.92
CA PRO A 410 -6.65 -2.50 17.94
C PRO A 410 -7.47 -2.98 19.13
N SER A 411 -7.31 -4.24 19.55
CA SER A 411 -8.07 -4.74 20.68
C SER A 411 -7.71 -4.01 21.96
N ILE A 412 -6.42 -3.68 22.14
CA ILE A 412 -6.00 -2.90 23.30
C ILE A 412 -6.69 -1.55 23.31
N ILE A 413 -6.86 -0.94 22.13
CA ILE A 413 -7.57 0.33 22.05
C ILE A 413 -9.04 0.15 22.40
N ILE A 414 -9.64 -0.94 21.93
CA ILE A 414 -11.06 -1.18 22.18
C ILE A 414 -11.29 -1.58 23.64
N THR A 415 -10.44 -2.47 24.17
CA THR A 415 -10.68 -2.99 25.51
C THR A 415 -10.39 -1.95 26.59
N HIS A 416 -9.30 -1.20 26.44
CA HIS A 416 -8.87 -0.24 27.44
C HIS A 416 -9.30 1.19 27.13
N ASN A 417 -10.13 1.39 26.11
CA ASN A 417 -10.68 2.71 25.77
C ASN A 417 -9.56 3.73 25.56
N VAL A 418 -8.53 3.30 24.82
CA VAL A 418 -7.38 4.15 24.54
C VAL A 418 -7.80 5.20 23.51
N SER A 419 -7.80 6.46 23.92
CA SER A 419 -8.27 7.55 23.07
C SER A 419 -7.80 8.85 23.67
N PRO A 420 -7.55 9.88 22.84
CA PRO A 420 -7.14 11.18 23.38
C PRO A 420 -8.19 11.82 24.29
N ASP A 421 -9.46 11.52 24.07
CA ASP A 421 -10.52 12.11 24.88
C ASP A 421 -10.72 11.38 26.20
N THR A 422 -10.23 10.14 26.32
CA THR A 422 -10.27 9.39 27.56
C THR A 422 -8.97 9.47 28.35
N LEU A 423 -7.91 10.02 27.75
CA LEU A 423 -6.60 10.05 28.39
C LEU A 423 -6.60 11.03 29.56
N ASN A 424 -6.35 10.50 30.77
CA ASN A 424 -6.21 11.30 31.99
C ASN A 424 -7.40 12.23 32.22
N ARG A 425 -8.60 11.80 31.89
CA ARG A 425 -9.80 12.61 32.09
C ARG A 425 -10.15 12.60 33.57
N GLU A 426 -9.87 13.71 34.27
CA GLU A 426 -10.15 13.80 35.69
C GLU A 426 -11.65 13.86 35.93
N GLY A 427 -12.17 12.94 36.74
CA GLY A 427 -13.57 12.94 37.07
C GLY A 427 -14.26 11.60 36.91
N CYS A 428 -13.78 10.77 35.99
CA CYS A 428 -14.41 9.49 35.73
C CYS A 428 -14.29 8.57 36.94
N LYS A 429 -15.00 7.44 36.86
CA LYS A 429 -15.06 6.49 37.97
C LYS A 429 -14.21 5.25 37.75
N GLU A 430 -14.06 4.79 36.51
CA GLU A 430 -13.30 3.60 36.20
C GLU A 430 -12.15 3.95 35.27
N TYR A 431 -10.93 3.59 35.67
CA TYR A 431 -9.73 3.87 34.89
C TYR A 431 -9.05 2.58 34.48
N ASP A 432 -8.25 2.66 33.41
CA ASP A 432 -7.37 1.58 32.98
C ASP A 432 -5.97 2.15 32.87
N VAL A 433 -5.13 1.86 33.86
CA VAL A 433 -3.77 2.40 33.88
C VAL A 433 -2.86 1.52 33.03
N ALA A 434 -2.05 2.17 32.16
CA ALA A 434 -1.14 1.48 31.26
C ALA A 434 0.19 1.18 31.95
N PRO A 435 0.82 0.05 31.62
CA PRO A 435 2.07 -0.31 32.28
C PRO A 435 3.21 0.65 31.94
N GLN A 436 4.17 0.72 32.85
CA GLN A 436 5.40 1.49 32.66
C GLN A 436 5.13 2.98 32.42
N VAL A 437 4.46 3.30 31.31
CA VAL A 437 4.21 4.69 30.95
C VAL A 437 3.24 5.35 31.92
N GLY A 438 2.40 4.57 32.60
CA GLY A 438 1.52 5.09 33.63
C GLY A 438 0.30 5.84 33.16
N HIS A 439 0.07 5.93 31.85
CA HIS A 439 -1.12 6.62 31.35
C HIS A 439 -2.38 5.86 31.73
N ARG A 440 -3.42 6.60 32.11
CA ARG A 440 -4.71 6.03 32.48
C ARG A 440 -5.79 6.57 31.55
N PHE A 441 -6.77 5.71 31.24
CA PHE A 441 -7.81 6.05 30.28
C PHE A 441 -9.18 5.83 30.92
N CYS A 442 -10.02 6.86 30.84
CA CYS A 442 -11.36 6.77 31.39
C CYS A 442 -12.20 5.75 30.63
N LYS A 443 -13.09 5.07 31.36
CA LYS A 443 -13.97 4.07 30.77
C LYS A 443 -15.43 4.31 31.12
N ASP A 444 -15.78 5.51 31.56
CA ASP A 444 -17.18 5.81 31.87
C ASP A 444 -18.03 5.81 30.60
N PHE A 445 -17.49 6.33 29.50
CA PHE A 445 -18.20 6.39 28.24
C PHE A 445 -17.30 5.88 27.11
N PRO A 446 -17.88 5.27 26.08
CA PRO A 446 -17.06 4.82 24.94
C PRO A 446 -16.37 5.98 24.24
N GLY A 447 -15.05 6.08 24.42
CA GLY A 447 -14.32 7.19 23.85
C GLY A 447 -14.31 7.16 22.34
N PHE A 448 -14.02 8.33 21.76
CA PHE A 448 -13.96 8.45 20.31
C PHE A 448 -12.73 7.72 19.79
N ILE A 449 -12.97 6.83 18.81
CA ILE A 449 -12.03 5.99 18.05
C ILE A 449 -12.17 4.52 18.46
N PRO A 450 -12.12 4.15 19.75
CA PRO A 450 -12.40 2.74 20.09
C PRO A 450 -13.79 2.27 19.69
N SER A 451 -14.79 3.17 19.73
CA SER A 451 -16.12 2.79 19.29
C SER A 451 -16.16 2.52 17.79
N LEU A 452 -15.25 3.13 17.03
CA LEU A 452 -15.20 2.91 15.59
C LEU A 452 -14.38 1.68 15.23
N LEU A 453 -13.34 1.37 16.03
CA LEU A 453 -12.50 0.21 15.74
C LEU A 453 -13.22 -1.11 15.95
N GLY A 454 -14.33 -1.12 16.70
CA GLY A 454 -15.03 -2.36 16.95
C GLY A 454 -15.65 -2.95 15.70
N ASP A 455 -16.41 -2.14 14.96
CA ASP A 455 -17.10 -2.65 13.78
C ASP A 455 -16.15 -2.93 12.62
N LEU A 456 -14.94 -2.36 12.65
CA LEU A 456 -13.98 -2.66 11.60
C LEU A 456 -13.47 -4.09 11.68
N LEU A 457 -13.20 -4.56 12.90
CA LEU A 457 -12.77 -5.95 13.07
C LEU A 457 -13.90 -6.94 12.80
N GLU A 458 -15.15 -6.51 12.96
CA GLU A 458 -16.28 -7.37 12.59
C GLU A 458 -16.36 -7.53 11.08
N GLU A 459 -16.02 -6.49 10.31
CA GLU A 459 -16.02 -6.62 8.86
C GLU A 459 -14.90 -7.51 8.36
N ARG A 460 -13.81 -7.64 9.13
CA ARG A 460 -12.73 -8.54 8.75
C ARG A 460 -13.08 -9.99 9.04
N GLN A 461 -13.68 -10.25 10.20
CA GLN A 461 -14.02 -11.62 10.56
C GLN A 461 -15.08 -12.20 9.63
N LYS A 462 -15.95 -11.34 9.05
CA LYS A 462 -16.91 -11.82 8.07
C LYS A 462 -16.18 -12.34 6.82
N ILE A 463 -15.09 -11.68 6.43
CA ILE A 463 -14.30 -12.13 5.29
C ILE A 463 -13.55 -13.41 5.65
N LYS A 464 -13.05 -13.50 6.88
CA LYS A 464 -12.34 -14.70 7.30
C LYS A 464 -13.24 -15.93 7.27
N LYS A 465 -14.52 -15.75 7.60
CA LYS A 465 -15.46 -16.87 7.57
C LYS A 465 -15.87 -17.23 6.15
N LYS A 466 -15.84 -16.27 5.23
CA LYS A 466 -16.15 -16.58 3.83
C LYS A 466 -15.05 -17.43 3.19
N MET A 467 -13.82 -17.30 3.66
CA MET A 467 -12.73 -18.12 3.13
C MET A 467 -12.94 -19.59 3.44
N LYS A 468 -13.33 -19.90 4.68
CA LYS A 468 -13.55 -21.30 5.04
C LYS A 468 -14.74 -21.88 4.28
N ALA A 469 -15.75 -21.07 4.02
CA ALA A 469 -16.97 -21.53 3.34
C ALA A 469 -16.87 -21.48 1.83
N THR A 470 -15.71 -21.12 1.27
CA THR A 470 -15.52 -21.01 -0.16
C THR A 470 -14.60 -22.13 -0.65
N ILE A 471 -15.06 -22.86 -1.67
CA ILE A 471 -14.24 -23.91 -2.26
C ILE A 471 -13.38 -23.41 -3.41
N ASP A 472 -13.68 -22.24 -3.96
CA ASP A 472 -12.92 -21.71 -5.08
C ASP A 472 -11.55 -21.24 -4.62
N PRO A 473 -10.45 -21.83 -5.13
CA PRO A 473 -9.12 -21.41 -4.65
C PRO A 473 -8.79 -19.97 -4.98
N ILE A 474 -9.21 -19.46 -6.14
CA ILE A 474 -8.90 -18.08 -6.49
C ILE A 474 -9.82 -17.11 -5.77
N GLU A 475 -11.13 -17.43 -5.71
CA GLU A 475 -12.07 -16.55 -5.02
C GLU A 475 -11.75 -16.44 -3.54
N ARG A 476 -11.37 -17.55 -2.91
CA ARG A 476 -10.92 -17.49 -1.51
C ARG A 476 -9.57 -16.83 -1.37
N LYS A 477 -8.77 -16.81 -2.45
CA LYS A 477 -7.47 -16.14 -2.40
C LYS A 477 -7.64 -14.63 -2.35
N LEU A 478 -8.66 -14.10 -3.04
CA LEU A 478 -8.92 -12.67 -2.98
C LEU A 478 -9.42 -12.25 -1.61
N LEU A 479 -10.22 -13.11 -0.96
CA LEU A 479 -10.68 -12.82 0.39
C LEU A 479 -9.51 -12.77 1.37
N ASP A 480 -8.48 -13.58 1.16
CA ASP A 480 -7.27 -13.47 1.96
C ASP A 480 -6.63 -12.10 1.81
N TYR A 481 -6.74 -11.50 0.61
CA TYR A 481 -6.22 -10.15 0.42
C TYR A 481 -7.10 -9.11 1.09
N ARG A 482 -8.42 -9.34 1.12
CA ARG A 482 -9.32 -8.36 1.74
C ARG A 482 -9.17 -8.35 3.25
N GLN A 483 -9.14 -9.53 3.88
CA GLN A 483 -8.94 -9.58 5.32
C GLN A 483 -7.55 -9.08 5.71
N ARG A 484 -6.59 -9.15 4.79
CA ARG A 484 -5.26 -8.64 5.09
C ARG A 484 -5.21 -7.12 5.03
N ARG A 485 -6.06 -6.51 4.20
CA ARG A 485 -6.10 -5.05 4.13
C ARG A 485 -6.75 -4.46 5.37
N ILE A 486 -7.78 -5.12 5.90
CA ILE A 486 -8.41 -4.63 7.13
C ILE A 486 -7.45 -4.74 8.30
N LYS A 487 -6.59 -5.76 8.31
CA LYS A 487 -5.57 -5.88 9.34
C LYS A 487 -4.60 -4.70 9.29
N ILE A 488 -4.13 -4.36 8.09
CA ILE A 488 -3.21 -3.24 7.95
C ILE A 488 -3.93 -1.93 8.25
N LEU A 489 -5.20 -1.83 7.85
CA LEU A 489 -5.96 -0.60 8.09
C LEU A 489 -6.23 -0.40 9.58
N ALA A 490 -6.46 -1.50 10.31
CA ALA A 490 -6.75 -1.39 11.74
C ALA A 490 -5.53 -0.91 12.51
N ASN A 491 -4.37 -1.54 12.27
CA ASN A 491 -3.14 -1.13 12.93
C ASN A 491 -2.74 0.29 12.58
N SER A 492 -3.23 0.81 11.44
CA SER A 492 -2.91 2.19 11.07
C SER A 492 -3.48 3.18 12.07
N TYR A 493 -4.58 2.82 12.74
CA TYR A 493 -5.13 3.71 13.76
C TYR A 493 -4.19 3.84 14.95
N TYR A 494 -3.48 2.77 15.29
CA TYR A 494 -2.47 2.85 16.34
C TYR A 494 -1.31 3.74 15.88
N GLY A 495 -0.79 3.49 14.69
CA GLY A 495 0.23 4.36 14.12
C GLY A 495 -0.26 5.77 13.85
N TYR A 496 -1.57 5.94 13.64
CA TYR A 496 -2.14 7.28 13.49
C TYR A 496 -1.93 8.12 14.74
N TYR A 497 -1.85 7.47 15.90
CA TYR A 497 -1.55 8.20 17.13
C TYR A 497 -0.13 8.72 17.14
N GLY A 498 0.80 7.97 16.54
CA GLY A 498 2.18 8.38 16.40
C GLY A 498 2.47 9.23 15.19
N TYR A 499 1.49 9.41 14.30
CA TYR A 499 1.68 10.25 13.12
C TYR A 499 1.72 11.72 13.53
N ALA A 500 2.83 12.40 13.21
CA ALA A 500 2.99 13.79 13.62
C ALA A 500 1.95 14.70 12.98
N ARG A 501 1.57 14.41 11.74
CA ARG A 501 0.60 15.22 11.02
C ARG A 501 -0.84 14.82 11.32
N ALA A 502 -1.06 13.89 12.24
CA ALA A 502 -2.41 13.44 12.55
C ALA A 502 -3.18 14.49 13.33
N ARG A 503 -4.47 14.60 13.04
CA ARG A 503 -5.33 15.49 13.81
C ARG A 503 -5.48 14.99 15.24
N TRP A 504 -5.86 13.73 15.40
CA TRP A 504 -6.00 13.10 16.72
C TRP A 504 -4.68 12.48 17.19
N TYR A 505 -3.60 13.25 17.09
CA TYR A 505 -2.30 12.79 17.55
C TYR A 505 -2.30 12.65 19.06
N CYS A 506 -1.93 11.47 19.55
CA CYS A 506 -1.83 11.22 20.98
C CYS A 506 -0.68 10.23 21.18
N LYS A 507 0.51 10.75 21.48
CA LYS A 507 1.65 9.87 21.74
C LYS A 507 1.40 9.01 22.97
N GLU A 508 0.72 9.56 23.98
CA GLU A 508 0.39 8.78 25.16
C GLU A 508 -0.50 7.59 24.80
N CYS A 509 -1.50 7.81 23.94
CA CYS A 509 -2.32 6.70 23.46
C CYS A 509 -1.49 5.71 22.65
N ALA A 510 -0.53 6.22 21.88
CA ALA A 510 0.34 5.34 21.10
C ALA A 510 1.33 4.61 22.01
N GLU A 511 1.87 5.30 23.01
CA GLU A 511 2.85 4.69 23.89
C GLU A 511 2.20 3.69 24.86
N SER A 512 0.91 3.88 25.15
CA SER A 512 0.22 2.95 26.02
C SER A 512 -0.06 1.63 25.31
N VAL A 513 -0.60 1.69 24.10
CA VAL A 513 -0.87 0.48 23.32
C VAL A 513 0.42 -0.32 23.11
N THR A 514 1.56 0.37 23.06
CA THR A 514 2.84 -0.33 23.02
C THR A 514 3.27 -0.83 24.40
N ALA A 515 2.87 -0.13 25.45
CA ALA A 515 3.09 -0.64 26.80
C ALA A 515 2.32 -1.94 27.02
N TRP A 516 1.04 -1.93 26.68
CA TRP A 516 0.31 -3.18 26.54
C TRP A 516 0.88 -3.97 25.37
N GLY A 517 0.49 -5.23 25.26
CA GLY A 517 1.08 -6.08 24.24
C GLY A 517 2.46 -6.55 24.66
N ARG A 518 3.37 -5.59 24.92
CA ARG A 518 4.63 -5.94 25.55
C ARG A 518 4.40 -6.64 26.88
N GLU A 519 3.39 -6.20 27.63
CA GLU A 519 3.00 -6.89 28.86
C GLU A 519 2.26 -8.18 28.55
N TYR A 520 1.44 -8.19 27.50
CA TYR A 520 0.66 -9.38 27.18
C TYR A 520 1.54 -10.49 26.60
N ILE A 521 2.47 -10.14 25.71
CA ILE A 521 3.28 -11.17 25.08
C ILE A 521 4.30 -11.74 26.06
N THR A 522 4.77 -10.94 27.01
CA THR A 522 5.65 -11.46 28.05
C THR A 522 4.89 -12.26 29.09
N MET A 523 3.65 -11.87 29.37
CA MET A 523 2.79 -12.67 30.25
C MET A 523 2.45 -14.01 29.62
N THR A 524 2.07 -14.00 28.33
CA THR A 524 1.65 -15.22 27.67
C THR A 524 2.81 -16.21 27.52
N ILE A 525 4.03 -15.71 27.30
CA ILE A 525 5.18 -16.60 27.16
C ILE A 525 5.48 -17.31 28.48
N LYS A 526 5.42 -16.58 29.60
CA LYS A 526 5.71 -17.18 30.88
C LYS A 526 4.64 -18.18 31.30
N GLU A 527 3.38 -17.96 30.89
CA GLU A 527 2.34 -18.93 31.17
C GLU A 527 2.54 -20.23 30.41
N ILE A 528 3.27 -20.19 29.29
CA ILE A 528 3.52 -21.40 28.53
C ILE A 528 4.72 -22.17 29.03
N GLU A 529 5.67 -21.49 29.69
CA GLU A 529 6.87 -22.15 30.18
C GLU A 529 6.72 -22.63 31.62
N GLU A 530 6.19 -21.79 32.50
CA GLU A 530 6.01 -22.19 33.90
C GLU A 530 4.91 -23.24 34.02
N LYS A 531 3.74 -22.96 33.46
CA LYS A 531 2.67 -23.94 33.34
C LYS A 531 2.68 -24.54 31.94
N TYR A 532 2.18 -25.78 31.84
CA TYR A 532 2.15 -26.54 30.59
C TYR A 532 3.55 -26.91 30.10
N GLY A 533 4.54 -26.08 30.39
CA GLY A 533 5.93 -26.41 30.09
C GLY A 533 6.28 -26.38 28.62
N PHE A 534 5.94 -25.30 27.94
CA PHE A 534 6.35 -25.11 26.56
C PHE A 534 7.73 -24.46 26.50
N LYS A 535 8.37 -24.59 25.35
CA LYS A 535 9.69 -24.00 25.10
C LYS A 535 9.49 -22.92 24.03
N VAL A 536 9.20 -21.70 24.47
CA VAL A 536 9.01 -20.59 23.55
C VAL A 536 10.32 -20.29 22.85
N ILE A 537 10.32 -20.36 21.53
CA ILE A 537 11.54 -20.22 20.74
C ILE A 537 11.80 -18.77 20.35
N TYR A 538 10.80 -18.10 19.79
CA TYR A 538 10.99 -16.75 19.27
C TYR A 538 9.64 -16.06 19.18
N SER A 539 9.62 -14.79 19.57
CA SER A 539 8.41 -13.96 19.52
C SER A 539 8.75 -12.60 18.91
N ASP A 540 7.78 -12.02 18.22
CA ASP A 540 7.97 -10.73 17.55
C ASP A 540 7.16 -9.64 18.24
N THR A 541 5.83 -9.66 18.13
CA THR A 541 4.97 -8.73 18.84
C THR A 541 3.63 -9.36 19.17
N ASP A 542 3.06 -10.08 18.21
CA ASP A 542 1.72 -10.64 18.35
C ASP A 542 1.72 -12.11 18.76
N GLY A 543 2.78 -12.85 18.49
CA GLY A 543 2.79 -14.26 18.81
C GLY A 543 4.19 -14.79 19.04
N PHE A 544 4.26 -16.11 19.21
CA PHE A 544 5.52 -16.77 19.48
C PHE A 544 5.48 -18.19 18.92
N PHE A 545 6.65 -18.80 18.81
CA PHE A 545 6.80 -20.18 18.38
C PHE A 545 7.18 -21.02 19.60
N ALA A 546 6.28 -21.89 20.02
CA ALA A 546 6.50 -22.74 21.18
C ALA A 546 6.38 -24.21 20.80
N THR A 547 7.04 -25.06 21.59
CA THR A 547 7.03 -26.49 21.36
C THR A 547 7.45 -27.20 22.64
N ILE A 548 7.27 -28.51 22.65
CA ILE A 548 7.71 -29.37 23.74
C ILE A 548 9.00 -30.06 23.29
N PRO A 549 10.05 -30.10 24.13
CA PRO A 549 11.34 -30.60 23.66
C PRO A 549 11.32 -32.04 23.16
N GLY A 550 10.41 -32.87 23.63
CA GLY A 550 10.43 -34.27 23.24
C GLY A 550 9.10 -34.86 22.82
N ALA A 551 8.01 -34.19 23.14
CA ALA A 551 6.69 -34.73 22.84
C ALA A 551 6.44 -34.73 21.33
N ASP A 552 5.66 -35.71 20.89
CA ASP A 552 5.30 -35.83 19.48
C ASP A 552 4.29 -34.75 19.10
N ALA A 553 3.95 -34.69 17.81
CA ALA A 553 3.05 -33.66 17.32
C ALA A 553 1.67 -33.75 17.96
N GLU A 554 1.22 -34.97 18.30
CA GLU A 554 -0.10 -35.12 18.88
C GLU A 554 -0.17 -34.47 20.26
N THR A 555 0.85 -34.66 21.10
CA THR A 555 0.83 -34.09 22.43
C THR A 555 0.97 -32.57 22.38
N VAL A 556 1.76 -32.06 21.45
CA VAL A 556 2.01 -30.62 21.37
C VAL A 556 0.74 -29.88 20.95
N LYS A 557 -0.02 -30.45 20.01
CA LYS A 557 -1.25 -29.81 19.56
C LYS A 557 -2.29 -29.76 20.67
N LYS A 558 -2.51 -30.90 21.35
CA LYS A 558 -3.52 -30.96 22.41
C LYS A 558 -3.15 -30.03 23.56
N LYS A 559 -1.90 -30.06 23.99
CA LYS A 559 -1.47 -29.18 25.08
C LYS A 559 -1.54 -27.71 24.69
N ALA A 560 -1.31 -27.39 23.41
CA ALA A 560 -1.40 -26.00 22.97
C ALA A 560 -2.85 -25.53 22.95
N MET A 561 -3.78 -26.42 22.57
CA MET A 561 -5.19 -26.06 22.58
C MET A 561 -5.69 -25.84 24.00
N GLU A 562 -5.21 -26.65 24.95
CA GLU A 562 -5.55 -26.41 26.35
C GLU A 562 -4.96 -25.11 26.86
N PHE A 563 -3.79 -24.72 26.33
CA PHE A 563 -3.21 -23.44 26.71
C PHE A 563 -4.06 -22.28 26.18
N LEU A 564 -4.68 -22.46 25.02
CA LEU A 564 -5.60 -21.44 24.49
C LEU A 564 -6.83 -21.31 25.38
N LYS A 565 -7.32 -22.42 25.93
CA LYS A 565 -8.40 -22.34 26.90
C LYS A 565 -7.94 -21.65 28.19
N TYR A 566 -6.67 -21.81 28.55
CA TYR A 566 -6.11 -21.21 29.75
C TYR A 566 -5.27 -19.98 29.39
N ILE A 567 -5.92 -19.02 28.74
CA ILE A 567 -5.34 -17.70 28.49
C ILE A 567 -6.41 -16.75 28.01
N ASN A 568 -7.34 -17.25 27.18
CA ASN A 568 -8.36 -16.37 26.61
C ASN A 568 -9.37 -15.92 27.66
N ALA A 569 -9.75 -16.82 28.57
CA ALA A 569 -10.63 -16.43 29.66
C ALA A 569 -9.92 -15.47 30.61
N LYS A 570 -8.61 -15.63 30.80
CA LYS A 570 -7.89 -14.71 31.68
C LYS A 570 -7.67 -13.35 31.02
N LEU A 571 -7.52 -13.33 29.70
CA LEU A 571 -7.36 -12.07 28.99
C LEU A 571 -8.70 -11.32 28.97
N PRO A 572 -8.69 -10.02 29.23
CA PRO A 572 -9.95 -9.27 29.34
C PRO A 572 -10.43 -8.69 28.02
N GLY A 573 -11.74 -8.76 27.82
CA GLY A 573 -12.35 -8.06 26.69
C GLY A 573 -12.00 -8.69 25.36
N ALA A 574 -11.61 -7.86 24.40
CA ALA A 574 -11.37 -8.30 23.04
C ALA A 574 -10.05 -9.03 22.86
N LEU A 575 -9.20 -9.05 23.88
CA LEU A 575 -7.91 -9.74 23.78
C LEU A 575 -8.14 -11.24 23.61
N GLU A 576 -7.62 -11.80 22.53
CA GLU A 576 -7.78 -13.21 22.24
C GLU A 576 -6.50 -13.76 21.62
N LEU A 577 -6.09 -14.95 22.08
CA LEU A 577 -4.96 -15.67 21.52
C LEU A 577 -5.48 -16.84 20.72
N GLU A 578 -5.10 -16.92 19.44
CA GLU A 578 -5.66 -17.91 18.54
C GLU A 578 -4.57 -18.86 18.03
N TYR A 579 -5.04 -19.94 17.41
CA TYR A 579 -4.20 -21.01 16.89
C TYR A 579 -4.04 -20.80 15.39
N GLU A 580 -2.95 -20.14 14.98
CA GLU A 580 -2.79 -19.79 13.58
C GLU A 580 -2.23 -20.94 12.76
N GLY A 581 -1.31 -21.72 13.32
CA GLY A 581 -0.76 -22.82 12.57
C GLY A 581 0.25 -23.70 13.30
N PHE A 582 0.22 -24.99 12.99
CA PHE A 582 1.22 -25.95 13.44
C PHE A 582 2.22 -26.19 12.32
N TYR A 583 3.45 -26.55 12.71
CA TYR A 583 4.52 -26.70 11.76
C TYR A 583 5.38 -27.91 12.10
N LYS A 584 5.79 -28.65 11.07
CA LYS A 584 6.58 -29.85 11.28
C LYS A 584 7.99 -29.51 11.77
N ARG A 585 8.72 -28.70 11.01
CA ARG A 585 10.04 -28.23 11.38
C ARG A 585 10.12 -26.73 11.15
N GLY A 586 11.16 -26.11 11.71
CA GLY A 586 11.35 -24.69 11.58
C GLY A 586 12.72 -24.22 12.03
N PHE A 587 13.38 -23.40 11.21
CA PHE A 587 14.70 -22.87 11.51
C PHE A 587 14.60 -21.39 11.84
N PHE A 588 15.32 -20.97 12.87
CA PHE A 588 15.32 -19.59 13.33
C PHE A 588 16.77 -19.10 13.34
N VAL A 589 17.10 -18.23 12.37
CA VAL A 589 18.46 -17.72 12.24
C VAL A 589 18.71 -16.68 13.33
N THR A 590 18.04 -15.54 13.25
CA THR A 590 18.19 -14.48 14.23
C THR A 590 16.84 -13.76 14.34
N LYS A 591 16.88 -12.55 14.90
CA LYS A 591 15.64 -11.78 15.06
C LYS A 591 15.04 -11.42 13.70
N LYS A 592 13.75 -11.74 13.54
CA LYS A 592 12.97 -11.44 12.34
C LYS A 592 13.51 -12.14 11.10
N LYS A 593 14.30 -13.20 11.27
CA LYS A 593 14.76 -14.02 10.16
C LYS A 593 14.59 -15.48 10.54
N TYR A 594 13.62 -16.14 9.91
CA TYR A 594 13.31 -17.54 10.22
C TYR A 594 12.62 -18.18 9.02
N ALA A 595 12.61 -19.50 9.01
CA ALA A 595 11.93 -20.28 7.99
C ALA A 595 11.10 -21.36 8.68
N VAL A 596 9.98 -21.72 8.05
CA VAL A 596 9.03 -22.65 8.64
C VAL A 596 8.27 -23.36 7.53
N ILE A 597 7.79 -24.56 7.84
CA ILE A 597 7.07 -25.39 6.87
C ILE A 597 5.82 -25.96 7.53
N ASP A 598 4.78 -26.17 6.73
CA ASP A 598 3.58 -26.82 7.20
C ASP A 598 3.78 -28.33 7.27
N GLU A 599 2.75 -29.02 7.79
CA GLU A 599 2.72 -30.47 7.66
C GLU A 599 2.64 -30.87 6.20
N GLU A 600 1.91 -30.11 5.40
CA GLU A 600 1.88 -30.27 3.96
C GLU A 600 3.14 -29.66 3.35
N GLY A 601 3.49 -30.13 2.15
CA GLY A 601 4.66 -29.65 1.46
C GLY A 601 4.60 -28.19 1.06
N LYS A 602 5.24 -27.33 1.85
CA LYS A 602 5.33 -25.89 1.57
C LYS A 602 6.37 -25.31 2.52
N ILE A 603 6.89 -24.14 2.14
CA ILE A 603 7.90 -23.44 2.94
C ILE A 603 7.48 -21.98 3.08
N THR A 604 7.59 -21.45 4.30
CA THR A 604 7.30 -20.05 4.59
C THR A 604 8.56 -19.40 5.16
N THR A 605 9.02 -18.34 4.52
CA THR A 605 10.22 -17.63 4.94
C THR A 605 9.87 -16.17 5.21
N ARG A 606 10.44 -15.63 6.30
CA ARG A 606 10.15 -14.26 6.72
C ARG A 606 11.46 -13.58 7.08
N GLY A 607 11.77 -12.48 6.38
CA GLY A 607 12.91 -11.65 6.70
C GLY A 607 14.25 -12.13 6.17
N LEU A 608 14.37 -13.39 5.76
CA LEU A 608 15.63 -13.92 5.27
C LEU A 608 16.01 -13.24 3.95
N GLU A 609 17.21 -13.60 3.45
CA GLU A 609 17.72 -13.01 2.22
C GLU A 609 16.91 -13.41 0.99
N ILE A 610 16.06 -14.44 1.09
CA ILE A 610 15.26 -14.84 -0.05
C ILE A 610 14.23 -13.76 -0.40
N VAL A 611 13.60 -13.19 0.62
CA VAL A 611 12.60 -12.15 0.38
C VAL A 611 13.25 -10.81 0.03
N ARG A 612 14.50 -10.60 0.43
CA ARG A 612 15.17 -9.33 0.16
C ARG A 612 15.29 -9.08 -1.34
N ARG A 613 14.94 -7.87 -1.77
CA ARG A 613 15.05 -7.54 -3.18
C ARG A 613 16.50 -7.27 -3.58
N ASP A 614 17.32 -6.77 -2.64
CA ASP A 614 18.68 -6.32 -2.93
C ASP A 614 19.71 -7.41 -2.67
N TRP A 615 19.49 -8.61 -3.20
CA TRP A 615 20.45 -9.70 -3.09
C TRP A 615 20.55 -10.40 -4.43
N SER A 616 21.67 -11.08 -4.64
CA SER A 616 21.87 -11.85 -5.86
C SER A 616 20.91 -13.04 -5.90
N GLU A 617 20.45 -13.36 -7.11
CA GLU A 617 19.53 -14.48 -7.26
C GLU A 617 20.17 -15.80 -6.84
N ILE A 618 21.49 -15.93 -7.01
CA ILE A 618 22.19 -17.14 -6.58
C ILE A 618 22.19 -17.24 -5.06
N ALA A 619 22.22 -16.10 -4.36
CA ALA A 619 22.16 -16.14 -2.90
C ALA A 619 20.80 -16.59 -2.40
N LYS A 620 19.73 -16.12 -3.05
CA LYS A 620 18.39 -16.56 -2.66
C LYS A 620 18.13 -17.99 -3.11
N GLU A 621 18.63 -18.36 -4.29
CA GLU A 621 18.40 -19.71 -4.80
C GLU A 621 19.10 -20.75 -3.93
N THR A 622 20.37 -20.51 -3.59
CA THR A 622 21.10 -21.47 -2.77
C THR A 622 20.56 -21.53 -1.35
N GLN A 623 20.20 -20.38 -0.78
CA GLN A 623 19.66 -20.37 0.58
C GLN A 623 18.33 -21.10 0.64
N ALA A 624 17.51 -20.96 -0.40
CA ALA A 624 16.25 -21.71 -0.45
C ALA A 624 16.50 -23.20 -0.63
N ARG A 625 17.55 -23.57 -1.36
CA ARG A 625 17.85 -24.98 -1.56
C ARG A 625 18.34 -25.63 -0.27
N VAL A 626 19.23 -24.97 0.46
CA VAL A 626 19.71 -25.52 1.71
C VAL A 626 18.64 -25.49 2.79
N LEU A 627 17.65 -24.60 2.66
CA LEU A 627 16.50 -24.63 3.56
C LEU A 627 15.53 -25.73 3.16
N GLU A 628 15.29 -25.89 1.87
CA GLU A 628 14.38 -26.94 1.40
C GLU A 628 14.88 -28.32 1.78
N ALA A 629 16.20 -28.52 1.80
CA ALA A 629 16.74 -29.82 2.17
C ALA A 629 16.69 -30.06 3.68
N LEU A 630 16.84 -29.00 4.48
CA LEU A 630 16.86 -29.13 5.93
C LEU A 630 15.47 -29.41 6.50
N LEU A 631 14.43 -28.78 5.95
CA LEU A 631 13.10 -28.95 6.50
C LEU A 631 12.39 -30.18 5.98
N LYS A 632 12.84 -30.75 4.84
CA LYS A 632 12.20 -31.94 4.30
C LYS A 632 12.46 -33.16 5.18
N ASP A 633 13.72 -33.41 5.52
CA ASP A 633 14.08 -34.58 6.31
C ASP A 633 15.43 -34.37 6.99
N GLY A 634 15.64 -33.18 7.57
CA GLY A 634 16.93 -32.84 8.16
C GLY A 634 18.03 -32.92 7.12
N ASP A 635 18.85 -33.96 7.21
CA ASP A 635 19.86 -34.27 6.19
C ASP A 635 20.78 -33.07 5.94
N VAL A 636 21.33 -32.51 7.02
CA VAL A 636 22.25 -31.39 6.89
C VAL A 636 23.51 -31.83 6.15
N GLU A 637 23.86 -33.11 6.23
CA GLU A 637 24.98 -33.63 5.45
C GLU A 637 24.74 -33.45 3.96
N LYS A 638 23.49 -33.58 3.51
CA LYS A 638 23.17 -33.29 2.12
C LYS A 638 23.04 -31.80 1.86
N ALA A 639 22.68 -31.02 2.87
CA ALA A 639 22.62 -29.57 2.72
C ALA A 639 24.02 -28.97 2.59
N VAL A 640 25.01 -29.57 3.26
CA VAL A 640 26.38 -29.10 3.15
C VAL A 640 26.92 -29.34 1.74
N ARG A 641 26.52 -30.46 1.13
CA ARG A 641 26.93 -30.72 -0.25
C ARG A 641 26.39 -29.68 -1.21
N ILE A 642 25.26 -29.05 -0.87
CA ILE A 642 24.68 -28.04 -1.74
C ILE A 642 25.46 -26.73 -1.65
N VAL A 643 25.95 -26.39 -0.45
CA VAL A 643 26.69 -25.13 -0.30
C VAL A 643 28.06 -25.19 -0.95
N LYS A 644 28.56 -26.40 -1.24
CA LYS A 644 29.86 -26.55 -1.88
C LYS A 644 29.78 -26.72 -3.39
N GLU A 645 28.68 -27.29 -3.90
CA GLU A 645 28.54 -27.48 -5.34
C GLU A 645 28.41 -26.16 -6.07
N VAL A 646 27.92 -25.12 -5.40
CA VAL A 646 27.81 -23.82 -6.04
C VAL A 646 29.07 -22.99 -5.87
N THR A 647 29.78 -23.13 -4.74
CA THR A 647 31.06 -22.44 -4.59
C THR A 647 32.11 -23.00 -5.53
N GLU A 648 32.10 -24.32 -5.74
CA GLU A 648 32.99 -24.91 -6.74
C GLU A 648 32.55 -24.51 -8.15
N LYS A 649 31.24 -24.40 -8.37
CA LYS A 649 30.75 -23.86 -9.64
C LYS A 649 30.99 -22.37 -9.74
N LEU A 650 31.13 -21.67 -8.60
CA LEU A 650 31.52 -20.27 -8.62
C LEU A 650 33.01 -20.09 -8.89
N SER A 651 33.81 -21.15 -8.73
CA SER A 651 35.21 -21.09 -9.12
C SER A 651 35.34 -20.87 -10.63
N LYS A 652 34.69 -21.74 -11.41
CA LYS A 652 34.51 -21.45 -12.82
C LYS A 652 33.49 -20.33 -12.99
N TYR A 653 33.39 -19.81 -14.21
CA TYR A 653 32.50 -18.68 -14.43
C TYR A 653 31.04 -19.09 -14.32
N GLU A 654 30.22 -18.14 -13.87
CA GLU A 654 28.86 -18.43 -13.47
C GLU A 654 27.99 -18.78 -14.68
N VAL A 655 26.77 -19.22 -14.38
CA VAL A 655 25.72 -19.41 -15.37
C VAL A 655 25.40 -18.03 -15.95
N PRO A 656 24.69 -17.94 -17.09
CA PRO A 656 24.43 -16.63 -17.72
C PRO A 656 23.97 -15.60 -16.70
N PRO A 657 24.82 -14.60 -16.41
CA PRO A 657 24.59 -13.57 -15.39
C PRO A 657 23.90 -12.33 -15.94
N LYS A 659 21.91 -14.06 -13.55
CA LYS A 659 21.66 -13.77 -12.14
C LYS A 659 22.72 -12.85 -11.56
N LEU A 660 22.98 -12.98 -10.26
CA LEU A 660 23.88 -12.12 -9.49
C LEU A 660 23.64 -10.64 -9.78
N VAL A 661 22.38 -10.27 -10.06
CA VAL A 661 21.98 -8.89 -10.25
C VAL A 661 21.33 -8.42 -8.96
N ILE A 662 21.87 -7.37 -8.36
CA ILE A 662 21.31 -6.80 -7.15
C ILE A 662 20.52 -5.55 -7.52
N HIS A 663 19.46 -5.28 -6.77
CA HIS A 663 18.52 -4.21 -7.09
C HIS A 663 18.35 -3.31 -5.88
N ILE A 664 18.84 -2.07 -5.98
CA ILE A 664 18.69 -1.07 -4.93
C ILE A 664 18.21 0.22 -5.59
N GLN A 665 16.99 0.64 -5.26
CA GLN A 665 16.48 1.88 -5.81
C GLN A 665 17.15 3.08 -5.15
N ILE A 666 17.05 4.23 -5.80
CA ILE A 666 17.69 5.45 -5.36
C ILE A 666 16.67 6.27 -4.57
N THR A 667 16.95 6.48 -3.28
CA THR A 667 16.15 7.36 -2.45
C THR A 667 16.76 8.76 -2.49
N ARG A 668 16.23 9.66 -1.66
CA ARG A 668 16.72 11.05 -1.54
C ARG A 668 16.65 11.68 -2.93
N ASP A 669 17.74 12.28 -3.44
CA ASP A 669 17.68 12.96 -4.74
C ASP A 669 19.10 13.09 -5.28
N LEU A 670 19.45 12.25 -6.25
CA LEU A 670 20.67 12.38 -7.05
C LEU A 670 21.93 12.56 -6.19
N LYS A 671 22.13 13.76 -5.66
CA LYS A 671 23.34 14.09 -4.92
C LYS A 671 23.08 14.40 -3.45
N ASP A 672 21.86 14.20 -2.95
CA ASP A 672 21.56 14.48 -1.55
C ASP A 672 22.18 13.49 -0.58
N TYR A 673 22.95 12.52 -1.07
CA TYR A 673 23.55 11.51 -0.21
C TYR A 673 24.77 12.08 0.51
N LYS A 674 25.06 11.48 1.66
CA LYS A 674 26.29 11.76 2.40
C LYS A 674 27.30 10.62 2.31
N ALA A 675 26.93 9.51 1.67
CA ALA A 675 27.82 8.37 1.49
C ALA A 675 27.46 7.66 0.21
N THR A 676 28.47 7.23 -0.54
CA THR A 676 28.31 6.54 -1.81
C THR A 676 28.77 5.10 -1.65
N GLY A 677 27.88 4.16 -1.90
CA GLY A 677 28.21 2.75 -1.81
C GLY A 677 28.59 2.16 -3.17
N PRO A 678 28.34 0.87 -3.34
CA PRO A 678 28.56 0.27 -4.67
C PRO A 678 27.59 0.78 -5.71
N HIS A 679 26.31 0.92 -5.36
CA HIS A 679 25.39 1.72 -6.16
C HIS A 679 25.64 3.19 -5.79
N VAL A 680 24.72 4.07 -6.20
CA VAL A 680 24.90 5.52 -6.05
C VAL A 680 26.12 5.98 -6.85
N ALA A 681 27.27 5.33 -6.63
CA ALA A 681 28.41 5.53 -7.52
C ALA A 681 28.05 5.19 -8.95
N VAL A 682 27.21 4.16 -9.14
CA VAL A 682 26.64 3.90 -10.45
C VAL A 682 25.61 4.97 -10.82
N ALA A 683 25.02 5.63 -9.82
CA ALA A 683 24.13 6.76 -10.11
C ALA A 683 24.92 8.05 -10.30
N LYS A 684 26.01 8.23 -9.54
CA LYS A 684 26.88 9.39 -9.76
C LYS A 684 27.46 9.36 -11.17
N ARG A 685 27.99 8.21 -11.58
CA ARG A 685 28.30 8.00 -12.98
C ARG A 685 27.00 7.80 -13.76
N LEU A 686 27.10 7.92 -15.08
CA LEU A 686 25.97 7.82 -16.00
C LEU A 686 24.89 8.87 -15.73
N ALA A 687 25.15 9.82 -14.82
CA ALA A 687 24.21 10.89 -14.53
C ALA A 687 24.32 12.04 -15.52
N ALA A 688 25.30 12.01 -16.42
CA ALA A 688 25.46 13.06 -17.43
C ALA A 688 25.52 12.46 -18.82
N GLY A 690 22.29 11.33 -18.75
CA GLY A 690 21.57 10.18 -18.23
C GLY A 690 20.07 10.42 -18.09
N VAL A 691 19.55 10.22 -16.88
CA VAL A 691 18.13 10.43 -16.62
C VAL A 691 18.00 11.46 -15.50
N LYS A 692 16.76 11.76 -15.11
CA LYS A 692 16.54 12.67 -13.99
C LYS A 692 17.07 12.11 -12.68
N ILE A 693 17.24 10.78 -12.59
CA ILE A 693 17.60 10.09 -11.35
C ILE A 693 16.59 10.49 -10.29
N ARG A 694 15.30 10.36 -10.60
CA ARG A 694 14.26 10.66 -9.65
C ARG A 694 14.22 9.60 -8.55
N PRO A 695 13.73 9.95 -7.36
CA PRO A 695 13.63 8.96 -6.29
C PRO A 695 12.69 7.82 -6.69
N GLY A 696 13.19 6.60 -6.57
CA GLY A 696 12.45 5.42 -6.94
C GLY A 696 12.94 4.70 -8.19
N THR A 697 14.15 4.99 -8.66
CA THR A 697 14.71 4.34 -9.83
C THR A 697 15.65 3.23 -9.40
N VAL A 698 15.34 1.99 -9.79
CA VAL A 698 16.19 0.86 -9.46
C VAL A 698 17.46 0.91 -10.29
N ILE A 699 18.60 0.66 -9.66
CA ILE A 699 19.90 0.66 -10.32
C ILE A 699 20.51 -0.72 -10.11
N SER A 700 20.40 -1.57 -11.13
CA SER A 700 20.91 -2.93 -11.07
C SER A 700 22.30 -2.99 -11.66
N TYR A 701 23.29 -3.38 -10.84
CA TYR A 701 24.67 -3.44 -11.29
C TYR A 701 25.22 -4.84 -11.13
N ILE A 702 26.41 -5.05 -11.70
CA ILE A 702 27.13 -6.32 -11.65
C ILE A 702 28.56 -6.05 -11.20
N VAL A 703 28.98 -6.68 -10.12
CA VAL A 703 30.33 -6.52 -9.60
C VAL A 703 31.25 -7.51 -10.31
N LEU A 704 32.29 -6.99 -10.95
CA LEU A 704 33.25 -7.82 -11.67
C LEU A 704 34.68 -7.43 -11.31
N LYS A 705 35.62 -7.62 -12.24
CA LYS A 705 37.03 -7.26 -12.08
C LYS A 705 37.60 -7.99 -10.87
N GLY A 706 38.06 -7.30 -9.84
CA GLY A 706 38.72 -7.96 -8.74
C GLY A 706 38.69 -7.23 -7.41
N SER A 707 39.83 -6.66 -7.01
CA SER A 707 40.04 -6.19 -5.65
C SER A 707 39.59 -4.74 -5.50
N GLY A 708 39.79 -4.20 -4.30
CA GLY A 708 39.37 -2.84 -4.00
C GLY A 708 37.87 -2.72 -3.93
N ARG A 709 37.35 -1.63 -4.50
CA ARG A 709 35.91 -1.48 -4.69
C ARG A 709 35.39 -2.59 -5.60
N ILE A 710 34.11 -2.99 -5.50
CA ILE A 710 32.89 -2.35 -4.93
C ILE A 710 32.43 -1.16 -5.78
N GLY A 711 32.47 0.06 -5.22
CA GLY A 711 31.94 1.22 -5.92
C GLY A 711 32.57 1.46 -7.28
N ASP A 712 33.78 0.96 -7.49
CA ASP A 712 34.52 1.17 -8.72
C ASP A 712 34.57 -0.07 -9.61
N ARG A 713 33.91 -1.16 -9.22
CA ARG A 713 33.89 -2.39 -10.00
C ARG A 713 32.55 -2.62 -10.68
N ALA A 714 31.70 -1.60 -10.75
CA ALA A 714 30.39 -1.69 -11.39
C ALA A 714 29.99 -0.28 -11.80
N ILE A 715 29.63 -0.05 -13.08
CA ILE A 715 29.32 -0.97 -14.20
C ILE A 715 28.05 -1.78 -13.93
N PRO A 716 26.94 -1.34 -14.52
CA PRO A 716 25.65 -2.03 -14.32
C PRO A 716 25.52 -3.29 -15.14
N PHE A 717 24.31 -3.55 -15.64
CA PHE A 717 24.03 -4.72 -16.46
C PHE A 717 23.87 -4.40 -17.94
N ASP A 718 23.28 -3.24 -18.27
CA ASP A 718 23.15 -2.84 -19.67
C ASP A 718 24.51 -2.61 -20.31
N GLU A 719 25.56 -2.35 -19.53
CA GLU A 719 26.91 -2.15 -20.03
C GLU A 719 27.76 -3.32 -19.52
N PHE A 720 27.57 -4.48 -20.15
CA PHE A 720 28.27 -5.68 -19.73
C PHE A 720 28.58 -6.53 -20.95
N ASP A 721 29.70 -7.26 -20.87
CA ASP A 721 30.17 -8.13 -21.94
C ASP A 721 30.92 -9.26 -21.27
N PRO A 722 30.55 -10.52 -21.54
CA PRO A 722 31.22 -11.64 -20.86
C PRO A 722 32.64 -11.88 -21.34
N THR A 723 33.06 -11.31 -22.48
CA THR A 723 34.39 -11.55 -23.01
C THR A 723 35.36 -10.43 -22.70
N LYS A 724 35.09 -9.23 -23.20
CA LYS A 724 36.00 -8.10 -22.99
C LYS A 724 35.98 -7.63 -21.54
N HIS A 725 34.87 -7.80 -20.84
CA HIS A 725 34.74 -7.39 -19.45
C HIS A 725 34.71 -8.66 -18.60
N LYS A 726 35.88 -9.07 -18.13
CA LYS A 726 36.02 -10.30 -17.37
C LYS A 726 35.21 -10.21 -16.08
N TYR A 727 34.24 -11.12 -15.93
CA TYR A 727 33.46 -11.17 -14.71
C TYR A 727 34.33 -11.60 -13.54
N ASP A 728 33.84 -11.35 -12.33
CA ASP A 728 34.62 -11.64 -11.15
C ASP A 728 34.62 -13.13 -10.82
N ALA A 729 33.42 -13.73 -10.74
CA ALA A 729 33.28 -15.12 -10.29
C ALA A 729 33.75 -15.25 -8.84
N GLU A 730 34.00 -14.11 -8.20
CA GLU A 730 34.40 -14.04 -6.80
C GLU A 730 33.50 -12.99 -6.14
N TYR A 731 33.91 -12.49 -4.99
CA TYR A 731 33.15 -11.52 -4.21
C TYR A 731 31.79 -12.08 -3.81
N TYR A 732 30.99 -12.52 -4.79
CA TYR A 732 29.73 -13.20 -4.51
C TYR A 732 29.94 -14.47 -3.69
N ILE A 733 31.15 -15.04 -3.71
CA ILE A 733 31.47 -16.19 -2.86
C ILE A 733 31.84 -15.78 -1.45
N GLU A 734 31.94 -14.47 -1.18
CA GLU A 734 32.32 -13.98 0.14
C GLU A 734 31.34 -12.94 0.65
N ASN A 735 30.65 -12.24 -0.24
CA ASN A 735 29.73 -11.18 0.14
C ASN A 735 28.27 -11.48 -0.17
N GLN A 736 27.99 -12.25 -1.21
CA GLN A 736 26.61 -12.64 -1.51
C GLN A 736 26.35 -14.04 -0.96
N VAL A 737 26.72 -15.07 -1.71
CA VAL A 737 26.67 -16.44 -1.23
C VAL A 737 27.83 -16.66 -0.27
N LEU A 738 27.54 -17.37 0.84
CA LEU A 738 28.37 -17.76 1.99
C LEU A 738 27.89 -17.04 3.24
N PRO A 739 27.79 -15.69 3.27
CA PRO A 739 27.21 -15.06 4.46
C PRO A 739 25.75 -15.43 4.68
N ALA A 740 24.92 -15.34 3.64
CA ALA A 740 23.53 -15.76 3.75
C ALA A 740 23.39 -17.25 4.04
N VAL A 741 24.48 -18.02 3.94
CA VAL A 741 24.46 -19.45 4.23
C VAL A 741 25.14 -19.77 5.56
N GLU A 742 26.27 -19.11 5.85
CA GLU A 742 26.99 -19.38 7.08
C GLU A 742 26.16 -19.03 8.31
N ARG A 743 25.38 -17.95 8.23
CA ARG A 743 24.51 -17.56 9.33
C ARG A 743 23.48 -18.63 9.68
N ILE A 744 23.29 -19.62 8.80
CA ILE A 744 22.41 -20.75 9.04
C ILE A 744 23.17 -21.95 9.59
N LEU A 745 24.26 -22.35 8.91
CA LEU A 745 24.98 -23.54 9.31
C LEU A 745 25.84 -23.34 10.55
N ARG A 746 26.07 -22.09 10.96
CA ARG A 746 26.94 -21.85 12.11
C ARG A 746 26.35 -22.39 13.40
N ALA A 747 25.03 -22.55 13.48
CA ALA A 747 24.42 -23.21 14.62
C ALA A 747 24.72 -24.70 14.68
N PHE A 748 25.34 -25.26 13.63
CA PHE A 748 25.73 -26.65 13.60
C PHE A 748 27.22 -26.86 13.85
N GLY A 749 28.02 -25.80 13.80
CA GLY A 749 29.43 -25.92 14.14
C GLY A 749 30.37 -25.87 12.96
N TYR A 750 30.12 -24.93 12.04
CA TYR A 750 30.99 -24.72 10.88
C TYR A 750 31.48 -23.27 10.90
N ARG A 751 32.76 -23.10 11.26
CA ARG A 751 33.44 -21.81 11.22
C ARG A 751 33.91 -21.41 9.82
N LYS A 752 33.18 -21.76 8.76
CA LYS A 752 33.50 -21.48 7.37
C LYS A 752 34.94 -21.85 6.98
N GLU A 753 35.63 -22.64 7.82
CA GLU A 753 36.92 -23.19 7.40
C GLU A 753 36.73 -24.19 6.27
N ASP A 754 35.62 -24.93 6.26
CA ASP A 754 35.27 -25.80 5.16
C ASP A 754 34.77 -24.97 3.99
N LEU A 755 34.03 -25.58 3.06
CA LEU A 755 33.58 -24.93 1.83
C LEU A 755 34.79 -24.47 1.02
N ARG A 756 35.06 -25.12 -0.12
CA ARG A 756 36.29 -24.94 -0.89
C ARG A 756 37.43 -25.58 -0.08
N TYR A 757 38.68 -25.61 -0.53
CA TYR A 757 39.25 -24.87 -1.66
C TYR A 757 40.08 -25.76 -2.58
N GLN A 758 40.34 -25.25 -3.79
CA GLN A 758 41.18 -25.90 -4.77
C GLN A 758 42.26 -24.92 -5.21
N LYS A 759 43.48 -25.43 -5.44
CA LYS A 759 43.78 -26.85 -5.31
C LYS A 759 44.38 -27.17 -3.94
C2 9O4 C 12 5.75 -2.89 12.48
C4 9O4 C 12 4.97 -5.08 11.86
C5 9O4 C 12 5.07 -4.39 10.52
C6 9O4 C 12 5.42 -3.29 10.32
C1' 9O4 C 12 4.25 -7.44 12.33
C2' 9O4 C 12 4.40 -8.74 11.67
C3' 9O4 C 12 4.91 -9.64 12.67
C4' 9O4 C 12 5.45 -8.82 13.84
C8 9O4 C 12 4.36 -6.47 10.19
N1 9O4 C 12 5.72 -2.60 11.17
N3 9O4 C 12 5.35 -4.26 13.05
N6 9O4 C 12 5.45 -2.79 8.95
N7 9O4 C 12 4.65 -5.45 9.62
N9 9O4 C 12 4.52 -6.36 11.41
O1P 9O4 C 12 4.48 -11.44 10.39
O2P 9O4 C 12 6.68 -12.36 10.72
O3' 9O4 C 12 5.99 -10.40 12.13
O4' 9O4 C 12 5.18 -7.38 13.49
P 9O4 C 12 5.88 -11.11 10.70
N1 9O7 D . 2.50 -1.38 11.55
C2 9O7 D . 2.43 -1.58 12.89
N3 9O7 D . 1.97 -2.67 13.53
C4 9O7 D . 1.57 -3.57 12.66
C5 9O7 D . 1.60 -3.48 11.24
C6 9O7 D . 2.09 -2.32 10.72
N6 9O7 D . 2.17 -2.13 9.28
N7 9O7 D . 1.05 -4.77 10.65
C8 9O7 D . 0.79 -5.41 11.80
N9 9O7 D . 1.08 -4.74 12.86
PA 9O7 D . 0.06 -9.70 12.65
PB 9O7 D . -2.83 -9.89 12.90
PG 9O7 D . -4.26 -12.33 12.23
C1' 9O7 D . 0.86 -5.27 14.18
O1A 9O7 D . 1.12 -10.06 11.70
O1B 9O7 D . -3.07 -8.45 12.91
C2' 9O7 D . -0.32 -6.16 14.21
O2' 9O7 D . -0.85 -6.00 15.26
O2A 9O7 D . 0.50 -10.39 13.85
O2B 9O7 D . -2.78 -10.20 14.32
O2G 9O7 D . -3.02 -13.08 11.99
C3' 9O7 D . 0.19 -7.52 14.19
O3' 9O7 D . 0.00 -8.07 12.87
O3A 9O7 D . -1.41 -10.25 12.14
O3B 9O7 D . -4.07 -10.70 12.15
O3G 9O7 D . -4.71 -12.81 13.53
C4' 9O7 D . 1.68 -7.48 14.52
O4' 9O7 D . 2.04 -6.04 14.61
O1G 9O7 D . -5.22 -12.88 11.29
MG MG E . 1.48 -11.29 13.77
MG MG F . -3.94 -14.87 11.75
MG MG G . 2.31 -9.98 9.56
#